data_6HQ7
#
_entry.id   6HQ7
#
_cell.length_a   82.570
_cell.length_b   82.570
_cell.length_c   134.590
_cell.angle_alpha   90.000
_cell.angle_beta   90.000
_cell.angle_gamma   120.000
#
_symmetry.space_group_name_H-M   'P 31'
#
loop_
_entity.id
_entity.type
_entity.pdbx_description
1 polymer 'EAL Enzyme Bd1971'
2 non-polymer 'CYCLIC GUANOSINE MONOPHOSPHATE'
3 non-polymer 'MAGNESIUM ION'
4 water water
#
_entity_poly.entity_id   1
_entity_poly.type   'polypeptide(L)'
_entity_poly.pdbx_seq_one_letter_code
;QSVDIHKDQIIFSEGDAGDCAYIIEKGRVLIYLTKDKEEIPLTILGEGEIFGEMALIDNQNRSASVRALEDVRLAIVTKQ
QVLERVSTADKVVQLLMRVLLKRLRRKNIGGPGGSRISEVEFDNSGAGDDGTQSALDQIKLENQIFQAFQNKEFELFYQP
IVNLKNKTITGCEALLRWNSPQHGLVSPNLFIDIIENSSMVIPIGHWIINQALKDLRTIQDQLRLNKKERMADDFMMSIN
ISGRQFTHSDFVNNLEDLREKHDLHTQNIKLEMTERIMMDGAIAIDALNQCRSLGYAISIDDFGTGFSGLQYLTQMPISF
LKIDRSFVMKILSDPKSKAVVSSIIHLAHAMDIEVIAEGIEHHEEALVLETLGARFGQGYLFSKPVDLGRFLKLIKL
;
_entity_poly.pdbx_strand_id   A,B
#
# COMPACT_ATOMS: atom_id res chain seq x y z
N GLN A 1 4.66 29.35 10.94
CA GLN A 1 3.89 28.15 11.38
C GLN A 1 3.29 28.26 12.79
N SER A 2 3.87 29.11 13.65
CA SER A 2 3.34 29.41 14.99
C SER A 2 2.99 30.91 15.11
N VAL A 3 1.84 31.22 15.72
CA VAL A 3 1.33 32.59 15.81
C VAL A 3 0.84 32.94 17.21
N ASP A 4 1.20 34.14 17.68
CA ASP A 4 0.92 34.59 19.04
C ASP A 4 -0.17 35.67 18.99
N ILE A 5 -1.26 35.45 19.72
CA ILE A 5 -2.42 36.36 19.74
C ILE A 5 -2.63 36.90 21.17
N HIS A 6 -3.00 38.17 21.25
CA HIS A 6 -3.18 38.85 22.53
C HIS A 6 -4.55 38.48 23.14
N LYS A 7 -4.65 38.63 24.46
CA LYS A 7 -5.88 38.43 25.20
C LYS A 7 -6.98 39.28 24.56
N ASP A 8 -8.13 38.67 24.34
CA ASP A 8 -9.36 39.34 23.88
C ASP A 8 -9.53 39.50 22.38
N GLN A 9 -8.54 39.09 21.60
CA GLN A 9 -8.63 39.16 20.15
C GLN A 9 -9.60 38.09 19.63
N ILE A 10 -10.56 38.53 18.82
CA ILE A 10 -11.51 37.65 18.14
C ILE A 10 -10.70 37.03 17.00
N ILE A 11 -10.43 35.74 17.09
CA ILE A 11 -9.60 35.05 16.11
C ILE A 11 -10.38 34.84 14.82
N PHE A 12 -11.63 34.43 14.95
CA PHE A 12 -12.61 34.55 13.86
C PHE A 12 -14.04 34.54 14.41
N SER A 13 -14.97 34.94 13.56
CA SER A 13 -16.37 35.09 13.92
C SER A 13 -17.27 34.06 13.25
N GLU A 14 -18.34 33.71 13.95
CA GLU A 14 -19.43 32.92 13.40
C GLU A 14 -19.87 33.54 12.07
N GLY A 15 -19.93 32.73 11.02
CA GLY A 15 -20.35 33.22 9.70
C GLY A 15 -19.24 33.55 8.71
N ASP A 16 -17.99 33.64 9.18
CA ASP A 16 -16.86 33.90 8.31
C ASP A 16 -16.55 32.71 7.44
N ALA A 17 -15.80 32.96 6.35
CA ALA A 17 -15.23 31.91 5.53
C ALA A 17 -14.05 31.31 6.29
N GLY A 18 -13.87 30.00 6.16
CA GLY A 18 -12.80 29.30 6.84
C GLY A 18 -11.54 29.39 6.01
N ASP A 19 -10.44 29.80 6.64
CA ASP A 19 -9.14 29.79 5.99
C ASP A 19 -8.31 28.63 6.52
N CYS A 20 -8.07 28.59 7.83
CA CYS A 20 -7.33 27.48 8.44
C CYS A 20 -7.90 27.07 9.81
N ALA A 21 -7.36 25.98 10.35
CA ALA A 21 -7.61 25.55 11.70
C ALA A 21 -6.37 25.83 12.53
N TYR A 22 -6.43 25.53 13.83
CA TYR A 22 -5.39 25.90 14.78
C TYR A 22 -5.30 24.87 15.89
N ILE A 23 -4.07 24.59 16.32
CA ILE A 23 -3.82 23.80 17.52
C ILE A 23 -3.32 24.76 18.59
N ILE A 24 -3.92 24.68 19.77
CA ILE A 24 -3.51 25.57 20.86
C ILE A 24 -2.25 24.99 21.49
N GLU A 25 -1.18 25.78 21.50
CA GLU A 25 0.07 25.40 22.17
C GLU A 25 0.20 26.05 23.54
N LYS A 26 -0.24 27.30 23.68
CA LYS A 26 -0.36 27.90 25.01
C LYS A 26 -1.66 28.68 25.18
N GLY A 27 -2.16 28.67 26.41
CA GLY A 27 -3.32 29.49 26.79
C GLY A 27 -4.67 28.85 26.54
N ARG A 28 -5.68 29.71 26.44
CA ARG A 28 -7.09 29.31 26.45
C ARG A 28 -7.91 30.17 25.49
N VAL A 29 -8.87 29.54 24.83
CA VAL A 29 -9.78 30.21 23.89
C VAL A 29 -11.25 29.88 24.26
N LEU A 30 -12.16 30.83 24.02
CA LEU A 30 -13.60 30.61 24.23
C LEU A 30 -14.31 30.40 22.90
N ILE A 31 -15.14 29.34 22.80
CA ILE A 31 -16.00 29.10 21.63
C ILE A 31 -17.39 29.60 22.04
N TYR A 32 -17.94 30.56 21.29
CA TYR A 32 -19.23 31.15 21.60
C TYR A 32 -20.08 31.36 20.34
N LEU A 33 -21.40 31.39 20.56
CA LEU A 33 -22.36 31.88 19.60
C LEU A 33 -22.87 33.22 20.10
N THR A 34 -23.35 34.05 19.19
CA THR A 34 -24.06 35.30 19.54
C THR A 34 -25.48 35.23 19.03
N LYS A 35 -26.44 35.60 19.89
CA LYS A 35 -27.87 35.50 19.57
C LYS A 35 -28.58 36.74 20.16
N ASP A 36 -28.69 37.77 19.33
CA ASP A 36 -29.13 39.11 19.72
C ASP A 36 -28.26 39.71 20.82
N LYS A 37 -26.98 39.91 20.48
CA LYS A 37 -25.98 40.51 21.38
C LYS A 37 -25.75 39.78 22.73
N GLU A 38 -26.52 38.73 23.01
CA GLU A 38 -26.24 37.81 24.10
C GLU A 38 -25.23 36.79 23.60
N GLU A 39 -24.14 36.65 24.35
CA GLU A 39 -23.04 35.78 23.94
C GLU A 39 -23.18 34.48 24.72
N ILE A 40 -23.31 33.37 23.97
CA ILE A 40 -23.59 32.06 24.51
C ILE A 40 -22.34 31.19 24.46
N PRO A 41 -21.70 30.91 25.62
CA PRO A 41 -20.51 30.07 25.63
C PRO A 41 -20.80 28.60 25.34
N LEU A 42 -20.10 28.03 24.37
CA LEU A 42 -20.13 26.61 24.11
C LEU A 42 -19.06 25.85 24.91
N THR A 43 -17.82 26.32 24.85
CA THR A 43 -16.74 25.70 25.62
C THR A 43 -15.49 26.56 25.70
N ILE A 44 -14.62 26.21 26.63
CA ILE A 44 -13.27 26.76 26.73
C ILE A 44 -12.28 25.67 26.30
N LEU A 45 -11.43 25.96 25.31
CA LEU A 45 -10.39 25.04 24.84
C LEU A 45 -9.02 25.47 25.34
N GLY A 46 -8.19 24.52 25.75
CA GLY A 46 -6.82 24.76 26.24
C GLY A 46 -5.77 24.07 25.39
N GLU A 47 -4.55 23.97 25.93
CA GLU A 47 -3.40 23.31 25.28
C GLU A 47 -3.75 21.95 24.63
N GLY A 48 -3.35 21.77 23.37
CA GLY A 48 -3.58 20.51 22.65
C GLY A 48 -4.88 20.37 21.86
N GLU A 49 -5.88 21.18 22.20
CA GLU A 49 -7.16 21.19 21.48
C GLU A 49 -6.99 21.86 20.11
N ILE A 50 -7.75 21.34 19.16
CA ILE A 50 -7.79 21.81 17.78
C ILE A 50 -9.09 22.58 17.59
N PHE A 51 -9.09 23.68 16.84
CA PHE A 51 -10.31 24.36 16.49
C PHE A 51 -10.24 24.96 15.10
N GLY A 52 -11.41 25.11 14.46
CA GLY A 52 -11.52 25.63 13.12
C GLY A 52 -11.43 24.58 12.02
N GLU A 53 -11.34 23.31 12.40
CA GLU A 53 -11.35 22.21 11.44
C GLU A 53 -12.65 22.12 10.62
N MET A 54 -13.79 22.45 11.23
CA MET A 54 -15.08 22.11 10.63
C MET A 54 -15.35 22.82 9.29
N ALA A 55 -15.09 24.12 9.25
CA ALA A 55 -15.24 24.91 8.03
C ALA A 55 -14.38 24.36 6.90
N LEU A 56 -13.19 23.89 7.25
CA LEU A 56 -12.24 23.36 6.28
C LEU A 56 -12.64 22.04 5.66
N ILE A 57 -13.28 21.18 6.44
CA ILE A 57 -13.60 19.83 5.99
C ILE A 57 -14.63 19.80 4.83
N ASP A 58 -15.55 20.77 4.80
CA ASP A 58 -16.64 20.75 3.82
C ASP A 58 -17.01 22.14 3.29
N ASN A 59 -16.02 23.03 3.24
CA ASN A 59 -16.19 24.45 2.82
C ASN A 59 -17.53 25.08 3.19
N GLN A 60 -17.82 25.05 4.48
CA GLN A 60 -18.91 25.85 5.05
C GLN A 60 -18.30 26.96 5.85
N ASN A 61 -19.13 27.90 6.26
CA ASN A 61 -18.68 29.00 7.10
C ASN A 61 -18.42 28.53 8.53
N ARG A 62 -17.80 29.40 9.31
CA ARG A 62 -17.58 29.15 10.73
C ARG A 62 -18.91 28.95 11.43
N SER A 63 -19.02 27.85 12.18
CA SER A 63 -20.20 27.54 12.99
C SER A 63 -20.20 28.23 14.35
N ALA A 64 -19.11 28.89 14.72
CA ALA A 64 -19.04 29.64 15.98
C ALA A 64 -17.91 30.67 15.94
N SER A 65 -17.93 31.60 16.89
CA SER A 65 -16.85 32.57 17.06
C SER A 65 -15.87 32.09 18.10
N VAL A 66 -14.64 32.61 18.03
CA VAL A 66 -13.53 32.19 18.88
C VAL A 66 -12.74 33.39 19.36
N ARG A 67 -12.69 33.60 20.68
CA ARG A 67 -11.95 34.71 21.30
C ARG A 67 -10.91 34.17 22.27
N ALA A 68 -9.71 34.75 22.20
CA ALA A 68 -8.63 34.48 23.15
C ALA A 68 -9.01 35.00 24.54
N LEU A 69 -9.02 34.11 25.54
CA LEU A 69 -9.31 34.50 26.93
C LEU A 69 -8.07 35.05 27.64
N GLU A 70 -6.91 34.74 27.08
CA GLU A 70 -5.62 35.19 27.60
C GLU A 70 -4.66 35.16 26.40
N ASP A 71 -3.40 35.50 26.60
CA ASP A 71 -2.42 35.42 25.50
C ASP A 71 -2.31 33.96 25.07
N VAL A 72 -2.38 33.72 23.76
CA VAL A 72 -2.33 32.37 23.21
C VAL A 72 -1.31 32.21 22.07
N ARG A 73 -0.87 30.97 21.87
CA ARG A 73 -0.02 30.62 20.74
C ARG A 73 -0.70 29.49 19.97
N LEU A 74 -0.89 29.70 18.67
CA LEU A 74 -1.60 28.77 17.80
C LEU A 74 -0.66 28.24 16.72
N ALA A 75 -0.73 26.92 16.49
CA ALA A 75 -0.05 26.30 15.35
C ALA A 75 -1.05 26.24 14.21
N ILE A 76 -0.64 26.60 13.00
CA ILE A 76 -1.55 26.68 11.86
C ILE A 76 -1.66 25.36 11.13
N VAL A 77 -2.91 24.91 10.93
CA VAL A 77 -3.24 23.75 10.12
C VAL A 77 -3.97 24.26 8.88
N THR A 78 -3.47 23.89 7.69
CA THR A 78 -3.98 24.45 6.45
C THR A 78 -5.21 23.71 5.95
N LYS A 79 -6.03 24.47 5.21
CA LYS A 79 -7.14 23.92 4.45
C LYS A 79 -6.70 22.69 3.67
N GLN A 80 -5.60 22.83 2.93
CA GLN A 80 -5.05 21.77 2.08
C GLN A 80 -4.75 20.48 2.86
N GLN A 81 -4.18 20.62 4.06
CA GLN A 81 -3.87 19.47 4.92
C GLN A 81 -5.13 18.68 5.34
N VAL A 82 -6.21 19.40 5.60
CA VAL A 82 -7.47 18.75 5.99
C VAL A 82 -8.14 18.12 4.74
N LEU A 83 -8.28 18.92 3.68
CA LEU A 83 -9.13 18.56 2.53
C LEU A 83 -8.64 17.28 1.81
N GLU A 84 -7.32 17.17 1.66
CA GLU A 84 -6.71 15.98 1.04
C GLU A 84 -7.02 14.69 1.80
N ARG A 85 -6.78 14.71 3.11
CA ARG A 85 -6.96 13.53 3.96
C ARG A 85 -8.44 13.13 4.04
N VAL A 86 -9.31 14.13 4.05
CA VAL A 86 -10.74 13.93 4.09
C VAL A 86 -11.27 13.35 2.76
N SER A 87 -10.90 13.97 1.65
CA SER A 87 -11.40 13.55 0.32
C SER A 87 -10.96 12.15 -0.11
N THR A 88 -9.83 11.69 0.43
CA THR A 88 -9.30 10.36 0.12
C THR A 88 -9.74 9.27 1.11
N ALA A 89 -10.58 9.61 2.09
CA ALA A 89 -11.00 8.65 3.09
C ALA A 89 -12.10 7.73 2.59
N ASP A 90 -12.14 6.56 3.20
CA ASP A 90 -13.19 5.57 3.00
C ASP A 90 -14.60 6.21 3.00
N LYS A 91 -15.50 5.73 2.15
CA LYS A 91 -16.85 6.33 2.01
C LYS A 91 -17.78 6.18 3.23
N VAL A 92 -17.58 5.13 4.02
CA VAL A 92 -18.26 4.98 5.30
C VAL A 92 -17.74 6.02 6.30
N VAL A 93 -16.43 6.27 6.28
CA VAL A 93 -15.80 7.30 7.11
C VAL A 93 -16.27 8.69 6.67
N GLN A 94 -16.34 8.92 5.37
CA GLN A 94 -16.92 10.17 4.83
C GLN A 94 -18.36 10.37 5.28
N LEU A 95 -19.16 9.30 5.31
CA LEU A 95 -20.54 9.37 5.78
C LEU A 95 -20.57 9.74 7.26
N LEU A 96 -19.74 9.06 8.06
CA LEU A 96 -19.64 9.33 9.50
C LEU A 96 -19.30 10.79 9.79
N MET A 97 -18.32 11.33 9.05
CA MET A 97 -17.89 12.71 9.20
C MET A 97 -19.01 13.69 8.87
N ARG A 98 -19.69 13.48 7.74
CA ARG A 98 -20.79 14.37 7.37
C ARG A 98 -21.90 14.41 8.44
N VAL A 99 -22.27 13.23 8.96
CA VAL A 99 -23.33 13.16 9.97
C VAL A 99 -22.91 13.84 11.26
N LEU A 100 -21.68 13.61 11.73
CA LEU A 100 -21.18 14.25 12.94
C LEU A 100 -21.12 15.79 12.77
N LEU A 101 -20.58 16.23 11.64
CA LEU A 101 -20.51 17.65 11.34
C LEU A 101 -21.87 18.31 11.45
N LYS A 102 -22.84 17.75 10.73
CA LYS A 102 -24.17 18.34 10.63
C LYS A 102 -24.86 18.35 12.00
N ARG A 103 -24.64 17.30 12.79
CA ARG A 103 -25.25 17.20 14.11
C ARG A 103 -24.66 18.18 15.10
N LEU A 104 -23.34 18.33 15.07
CA LEU A 104 -22.69 19.29 15.96
C LEU A 104 -23.11 20.75 15.64
N ARG A 105 -23.21 21.09 14.36
CA ARG A 105 -23.69 22.42 13.94
C ARG A 105 -25.11 22.69 14.33
N ARG A 106 -25.98 21.70 14.18
CA ARG A 106 -27.39 21.89 14.41
C ARG A 106 -27.61 22.59 15.74
N PRO A 112 -39.16 21.63 13.58
CA PRO A 112 -38.30 20.47 13.33
C PRO A 112 -38.26 20.03 11.85
N GLY A 113 -37.10 20.18 11.20
CA GLY A 113 -36.88 19.71 9.82
C GLY A 113 -36.21 18.35 9.79
N GLY A 114 -36.21 17.71 8.62
CA GLY A 114 -35.67 16.35 8.46
C GLY A 114 -34.28 16.31 7.85
N SER A 115 -33.30 15.75 8.57
CA SER A 115 -31.91 15.56 8.08
C SER A 115 -31.82 14.38 7.05
N ARG A 116 -31.14 14.61 5.92
CA ARG A 116 -30.99 13.59 4.84
C ARG A 116 -29.54 13.52 4.35
N ILE A 117 -29.17 12.43 3.66
CA ILE A 117 -27.87 12.30 2.95
C ILE A 117 -28.15 11.83 1.52
N SER A 118 -27.95 12.72 0.55
CA SER A 118 -28.09 12.35 -0.87
C SER A 118 -26.81 11.65 -1.35
N SER A 134 -22.91 2.73 -3.91
CA SER A 134 -21.72 2.52 -3.09
C SER A 134 -21.98 2.98 -1.67
N ALA A 135 -21.02 2.71 -0.78
CA ALA A 135 -21.17 2.97 0.65
C ALA A 135 -22.09 1.95 1.33
N LEU A 136 -23.38 2.21 1.29
CA LEU A 136 -24.35 1.23 1.75
C LEU A 136 -24.18 -0.11 1.01
N ASP A 137 -23.84 -0.06 -0.27
CA ASP A 137 -23.63 -1.26 -1.10
C ASP A 137 -22.45 -2.10 -0.66
N GLN A 138 -21.36 -1.44 -0.28
CA GLN A 138 -20.17 -2.13 0.22
C GLN A 138 -20.49 -2.90 1.51
N ILE A 139 -21.18 -2.22 2.41
CA ILE A 139 -21.67 -2.82 3.66
C ILE A 139 -22.54 -4.05 3.36
N LYS A 140 -23.49 -3.90 2.44
CA LYS A 140 -24.41 -4.98 2.07
C LYS A 140 -23.73 -6.16 1.40
N LEU A 141 -22.83 -5.89 0.46
CA LEU A 141 -22.10 -6.96 -0.23
C LEU A 141 -21.38 -7.84 0.80
N GLU A 142 -20.66 -7.21 1.74
CA GLU A 142 -19.98 -7.95 2.80
C GLU A 142 -20.93 -8.85 3.57
N ASN A 143 -22.07 -8.31 3.99
CA ASN A 143 -23.09 -9.09 4.71
C ASN A 143 -23.72 -10.18 3.85
N GLN A 144 -23.85 -9.94 2.55
CA GLN A 144 -24.30 -10.98 1.61
C GLN A 144 -23.23 -12.10 1.50
N ILE A 145 -21.94 -11.74 1.46
CA ILE A 145 -20.85 -12.73 1.37
C ILE A 145 -20.85 -13.64 2.61
N PHE A 146 -20.95 -13.04 3.78
CA PHE A 146 -20.84 -13.75 5.06
C PHE A 146 -22.07 -14.62 5.33
N GLN A 147 -23.25 -14.16 4.92
CA GLN A 147 -24.48 -14.96 5.02
C GLN A 147 -24.41 -16.15 4.07
N ALA A 148 -23.84 -15.95 2.88
CA ALA A 148 -23.65 -17.07 1.96
C ALA A 148 -22.69 -18.13 2.57
N PHE A 149 -21.60 -17.67 3.20
CA PHE A 149 -20.72 -18.58 3.94
C PHE A 149 -21.48 -19.40 4.99
N GLN A 150 -22.24 -18.70 5.85
CA GLN A 150 -23.04 -19.35 6.90
C GLN A 150 -24.22 -20.17 6.39
N ASN A 151 -24.72 -19.85 5.20
CA ASN A 151 -25.75 -20.65 4.51
C ASN A 151 -25.14 -21.83 3.72
N LYS A 152 -23.86 -22.15 3.97
CA LYS A 152 -23.14 -23.27 3.37
C LYS A 152 -23.01 -23.22 1.84
N GLU A 153 -22.94 -22.01 1.29
CA GLU A 153 -22.81 -21.83 -0.16
C GLU A 153 -21.36 -21.95 -0.67
N PHE A 154 -20.37 -21.95 0.22
CA PHE A 154 -18.96 -22.09 -0.18
C PHE A 154 -18.52 -23.54 -0.13
N GLU A 155 -17.61 -23.95 -1.02
CA GLU A 155 -16.86 -25.21 -0.88
C GLU A 155 -15.49 -25.10 -1.51
N LEU A 156 -14.59 -26.01 -1.14
CA LEU A 156 -13.22 -26.06 -1.69
C LEU A 156 -13.13 -27.02 -2.85
N PHE A 157 -12.52 -26.59 -3.95
CA PHE A 157 -12.05 -27.51 -4.99
C PHE A 157 -10.53 -27.62 -4.86
N TYR A 158 -9.95 -28.58 -5.58
CA TYR A 158 -8.52 -28.93 -5.48
C TYR A 158 -7.94 -29.03 -6.88
N GLN A 159 -6.86 -28.30 -7.14
CA GLN A 159 -6.20 -28.31 -8.44
C GLN A 159 -4.85 -29.02 -8.34
N PRO A 160 -4.67 -30.11 -9.10
CA PRO A 160 -3.42 -30.85 -9.00
C PRO A 160 -2.18 -30.02 -9.36
N ILE A 161 -1.13 -30.22 -8.58
CA ILE A 161 0.22 -29.78 -8.87
C ILE A 161 0.98 -31.05 -9.32
N VAL A 162 1.64 -30.98 -10.48
CA VAL A 162 2.24 -32.15 -11.09
C VAL A 162 3.73 -31.94 -11.31
N ASN A 163 4.49 -33.03 -11.19
CA ASN A 163 5.93 -33.03 -11.52
C ASN A 163 6.02 -32.94 -13.03
N LEU A 164 6.70 -31.92 -13.55
CA LEU A 164 6.68 -31.69 -15.00
C LEU A 164 7.29 -32.80 -15.86
N LYS A 165 8.36 -33.45 -15.37
CA LYS A 165 9.08 -34.46 -16.19
C LYS A 165 8.27 -35.76 -16.30
N ASN A 166 7.85 -36.31 -15.16
CA ASN A 166 7.15 -37.60 -15.10
C ASN A 166 5.60 -37.51 -15.04
N LYS A 167 5.05 -36.30 -15.09
CA LYS A 167 3.59 -36.07 -15.16
C LYS A 167 2.76 -36.58 -13.97
N THR A 168 3.41 -36.88 -12.86
CA THR A 168 2.75 -37.43 -11.66
C THR A 168 2.18 -36.30 -10.76
N ILE A 169 0.97 -36.51 -10.23
CA ILE A 169 0.39 -35.62 -9.24
C ILE A 169 1.17 -35.71 -7.93
N THR A 170 1.76 -34.59 -7.54
CA THR A 170 2.56 -34.50 -6.32
C THR A 170 1.88 -33.75 -5.16
N GLY A 171 0.74 -33.11 -5.43
CA GLY A 171 0.06 -32.27 -4.44
C GLY A 171 -1.16 -31.63 -5.08
N CYS A 172 -1.81 -30.74 -4.33
CA CYS A 172 -2.90 -29.92 -4.86
C CYS A 172 -3.05 -28.62 -4.10
N GLU A 173 -3.64 -27.62 -4.76
CA GLU A 173 -3.98 -26.35 -4.13
C GLU A 173 -5.49 -26.36 -3.85
N ALA A 174 -5.85 -26.05 -2.60
CA ALA A 174 -7.22 -25.71 -2.19
C ALA A 174 -7.63 -24.33 -2.71
N LEU A 175 -8.73 -24.29 -3.47
CA LEU A 175 -9.27 -23.08 -4.08
C LEU A 175 -10.74 -22.91 -3.69
N LEU A 176 -11.09 -21.74 -3.14
CA LEU A 176 -12.43 -21.45 -2.63
C LEU A 176 -13.38 -21.16 -3.77
N ARG A 177 -14.59 -21.70 -3.65
CA ARG A 177 -15.65 -21.50 -4.63
C ARG A 177 -16.93 -21.12 -3.89
N TRP A 178 -17.68 -20.23 -4.53
CA TRP A 178 -19.03 -19.85 -4.12
C TRP A 178 -20.03 -20.40 -5.12
N ASN A 179 -20.87 -21.31 -4.66
CA ASN A 179 -21.88 -21.99 -5.45
C ASN A 179 -23.23 -21.28 -5.38
N SER A 180 -23.32 -20.21 -6.17
CA SER A 180 -24.44 -19.32 -6.25
C SER A 180 -24.32 -18.56 -7.57
N PRO A 181 -25.42 -18.38 -8.31
CA PRO A 181 -25.47 -17.38 -9.41
C PRO A 181 -24.98 -15.97 -9.06
N GLN A 182 -25.02 -15.59 -7.78
CA GLN A 182 -24.56 -14.30 -7.27
C GLN A 182 -23.06 -14.06 -7.30
N HIS A 183 -22.25 -15.03 -7.76
CA HIS A 183 -20.79 -14.96 -7.60
C HIS A 183 -19.88 -14.43 -8.74
N GLY A 184 -20.27 -14.41 -10.01
CA GLY A 184 -21.60 -14.08 -10.49
C GLY A 184 -21.53 -12.61 -10.85
N LEU A 185 -22.43 -11.79 -10.29
CA LEU A 185 -22.39 -10.35 -10.47
C LEU A 185 -21.36 -9.59 -9.60
N VAL A 186 -20.62 -10.28 -8.73
CA VAL A 186 -19.51 -9.66 -7.98
C VAL A 186 -18.16 -9.67 -8.70
N SER A 187 -17.84 -10.74 -9.44
CA SER A 187 -16.49 -11.02 -10.01
C SER A 187 -15.80 -12.10 -9.15
N PRO A 188 -15.11 -13.09 -9.77
CA PRO A 188 -14.46 -14.14 -8.95
C PRO A 188 -13.33 -13.64 -8.02
N ASN A 189 -12.51 -12.74 -8.54
CA ASN A 189 -11.41 -12.15 -7.74
C ASN A 189 -12.01 -11.33 -6.59
N LEU A 190 -13.08 -10.62 -6.91
CA LEU A 190 -13.62 -9.59 -6.04
C LEU A 190 -14.15 -10.17 -4.72
N PHE A 191 -14.85 -11.31 -4.77
CA PHE A 191 -15.41 -11.93 -3.54
C PHE A 191 -14.31 -12.42 -2.54
N ILE A 192 -13.23 -12.94 -3.13
CA ILE A 192 -12.00 -13.28 -2.41
C ILE A 192 -11.36 -12.02 -1.76
N ASP A 193 -11.34 -10.92 -2.50
CA ASP A 193 -10.78 -9.65 -1.98
C ASP A 193 -11.64 -9.08 -0.86
N ILE A 194 -12.96 -9.06 -1.04
CA ILE A 194 -13.84 -8.66 0.07
C ILE A 194 -13.52 -9.51 1.30
N ILE A 195 -13.45 -10.82 1.14
CA ILE A 195 -13.20 -11.71 2.28
C ILE A 195 -11.87 -11.34 2.94
N GLU A 196 -10.82 -11.18 2.14
CA GLU A 196 -9.44 -11.03 2.63
C GLU A 196 -9.07 -9.74 3.38
N ASN A 197 -9.71 -8.62 3.10
CA ASN A 197 -9.49 -7.39 3.91
C ASN A 197 -10.76 -7.03 4.68
N SER A 198 -11.25 -8.05 5.37
CA SER A 198 -12.42 -7.97 6.20
C SER A 198 -12.16 -8.92 7.37
N SER A 199 -12.73 -8.64 8.53
CA SER A 199 -12.53 -9.51 9.69
C SER A 199 -13.08 -10.92 9.48
N MET A 200 -14.05 -11.09 8.58
CA MET A 200 -14.62 -12.42 8.30
C MET A 200 -13.60 -13.45 7.79
N VAL A 201 -12.46 -12.99 7.26
CA VAL A 201 -11.35 -13.88 6.93
C VAL A 201 -10.95 -14.86 8.03
N ILE A 202 -11.12 -14.47 9.29
CA ILE A 202 -10.74 -15.35 10.40
C ILE A 202 -11.69 -16.54 10.52
N PRO A 203 -13.02 -16.31 10.64
CA PRO A 203 -13.93 -17.47 10.61
C PRO A 203 -13.98 -18.21 9.27
N ILE A 204 -13.87 -17.49 8.14
CA ILE A 204 -13.86 -18.17 6.84
C ILE A 204 -12.56 -18.96 6.65
N GLY A 205 -11.44 -18.34 6.98
CA GLY A 205 -10.13 -18.98 6.94
C GLY A 205 -9.98 -20.19 7.84
N HIS A 206 -10.58 -20.15 9.04
CA HIS A 206 -10.59 -21.31 9.94
C HIS A 206 -11.38 -22.47 9.32
N TRP A 207 -12.50 -22.16 8.68
CA TRP A 207 -13.25 -23.18 7.96
C TRP A 207 -12.47 -23.77 6.76
N ILE A 208 -11.83 -22.90 5.97
CA ILE A 208 -11.01 -23.33 4.82
C ILE A 208 -9.92 -24.32 5.26
N ILE A 209 -9.15 -23.95 6.28
CA ILE A 209 -8.02 -24.76 6.74
C ILE A 209 -8.49 -26.12 7.26
N ASN A 210 -9.54 -26.12 8.07
CA ASN A 210 -10.11 -27.36 8.57
C ASN A 210 -10.56 -28.29 7.45
N GLN A 211 -11.21 -27.71 6.44
CA GLN A 211 -11.71 -28.50 5.31
C GLN A 211 -10.56 -29.07 4.48
N ALA A 212 -9.59 -28.22 4.15
CA ALA A 212 -8.40 -28.63 3.42
C ALA A 212 -7.65 -29.74 4.17
N LEU A 213 -7.49 -29.56 5.48
CA LEU A 213 -6.80 -30.57 6.30
C LEU A 213 -7.61 -31.85 6.43
N LYS A 214 -8.94 -31.73 6.53
CA LYS A 214 -9.83 -32.91 6.51
C LYS A 214 -9.65 -33.68 5.20
N ASP A 215 -9.64 -32.97 4.09
CA ASP A 215 -9.55 -33.61 2.76
C ASP A 215 -8.13 -34.15 2.47
N LEU A 216 -7.11 -33.53 3.08
CA LEU A 216 -5.75 -34.06 3.03
C LEU A 216 -5.68 -35.44 3.72
N ARG A 217 -6.27 -35.55 4.90
CA ARG A 217 -6.35 -36.83 5.64
C ARG A 217 -6.92 -37.94 4.76
N THR A 218 -8.00 -37.62 4.05
CA THR A 218 -8.64 -38.56 3.13
C THR A 218 -7.77 -38.94 1.93
N ILE A 219 -7.10 -37.96 1.33
CA ILE A 219 -6.19 -38.23 0.21
C ILE A 219 -5.04 -39.18 0.63
N GLN A 220 -4.50 -38.96 1.82
CA GLN A 220 -3.38 -39.75 2.31
C GLN A 220 -3.82 -41.17 2.61
N ASP A 221 -4.92 -41.31 3.35
CA ASP A 221 -5.53 -42.62 3.67
C ASP A 221 -5.77 -43.43 2.40
N GLN A 222 -6.36 -42.82 1.39
CA GLN A 222 -6.64 -43.54 0.15
C GLN A 222 -5.34 -43.92 -0.57
N LEU A 223 -4.38 -43.01 -0.58
CA LEU A 223 -3.08 -43.31 -1.19
C LEU A 223 -2.38 -44.52 -0.52
N ARG A 224 -2.43 -44.57 0.82
CA ARG A 224 -1.86 -45.68 1.60
C ARG A 224 -2.60 -47.00 1.34
N LEU A 225 -3.92 -46.97 1.42
CA LEU A 225 -4.80 -48.12 1.14
C LEU A 225 -4.64 -48.70 -0.26
N ASN A 226 -4.10 -47.92 -1.21
CA ASN A 226 -3.69 -48.44 -2.53
C ASN A 226 -2.17 -48.62 -2.67
N LYS A 227 -1.47 -48.75 -1.54
CA LYS A 227 -0.01 -49.06 -1.49
C LYS A 227 0.91 -48.05 -2.19
N LYS A 228 0.47 -46.79 -2.26
CA LYS A 228 1.26 -45.69 -2.80
C LYS A 228 1.79 -44.93 -1.59
N GLU A 229 2.66 -45.60 -0.83
CA GLU A 229 3.11 -45.11 0.47
C GLU A 229 3.99 -43.87 0.34
N ARG A 230 4.87 -43.86 -0.66
CA ARG A 230 5.80 -42.75 -0.85
C ARG A 230 5.07 -41.50 -1.37
N MET A 231 4.08 -41.70 -2.24
CA MET A 231 3.26 -40.61 -2.75
C MET A 231 2.50 -39.93 -1.61
N ALA A 232 1.91 -40.71 -0.70
CA ALA A 232 1.20 -40.20 0.48
C ALA A 232 2.08 -39.38 1.40
N ASP A 233 3.30 -39.86 1.64
CA ASP A 233 4.27 -39.16 2.49
C ASP A 233 4.75 -37.84 1.89
N ASP A 234 4.89 -37.79 0.57
CA ASP A 234 5.38 -36.58 -0.14
C ASP A 234 4.28 -35.58 -0.59
N PHE A 235 3.02 -35.90 -0.31
CA PHE A 235 1.90 -35.14 -0.84
C PHE A 235 1.76 -33.81 -0.09
N MET A 236 1.62 -32.71 -0.84
CA MET A 236 1.53 -31.38 -0.27
C MET A 236 0.13 -30.81 -0.54
N MET A 237 -0.61 -30.52 0.52
CA MET A 237 -1.85 -29.74 0.42
C MET A 237 -1.47 -28.28 0.55
N SER A 238 -1.77 -27.51 -0.48
CA SER A 238 -1.42 -26.08 -0.56
C SER A 238 -2.62 -25.25 -0.16
N ILE A 239 -2.46 -24.43 0.88
CA ILE A 239 -3.55 -23.62 1.42
C ILE A 239 -3.14 -22.15 1.34
N ASN A 240 -3.95 -21.34 0.67
CA ASN A 240 -3.76 -19.89 0.59
C ASN A 240 -4.02 -19.26 1.95
N ILE A 241 -3.04 -18.56 2.49
CA ILE A 241 -3.16 -17.83 3.75
C ILE A 241 -2.99 -16.34 3.47
N SER A 242 -4.02 -15.56 3.80
CA SER A 242 -3.98 -14.10 3.64
C SER A 242 -3.11 -13.46 4.71
N GLY A 243 -2.66 -12.23 4.45
CA GLY A 243 -1.89 -11.44 5.42
C GLY A 243 -2.59 -11.24 6.76
N ARG A 244 -3.87 -10.84 6.72
CA ARG A 244 -4.65 -10.65 7.93
C ARG A 244 -4.64 -11.83 8.88
N GLN A 245 -4.96 -13.01 8.34
CA GLN A 245 -4.98 -14.23 9.17
C GLN A 245 -3.58 -14.68 9.54
N PHE A 246 -2.58 -14.40 8.70
CA PHE A 246 -1.21 -14.73 9.05
C PHE A 246 -0.65 -13.93 10.22
N THR A 247 -0.91 -12.62 10.22
CA THR A 247 -0.44 -11.72 11.29
C THR A 247 -1.34 -11.68 12.53
N HIS A 248 -2.56 -12.19 12.41
CA HIS A 248 -3.40 -12.43 13.59
C HIS A 248 -2.66 -13.38 14.51
N SER A 249 -2.44 -12.97 15.76
CA SER A 249 -1.81 -13.84 16.77
C SER A 249 -2.69 -15.06 17.04
N ASP A 250 -2.08 -16.11 17.57
CA ASP A 250 -2.67 -17.46 17.62
C ASP A 250 -3.14 -18.08 16.26
N PHE A 251 -2.65 -17.53 15.14
CA PHE A 251 -2.77 -18.19 13.84
C PHE A 251 -2.05 -19.55 13.88
N VAL A 252 -0.84 -19.54 14.44
CA VAL A 252 -0.04 -20.77 14.56
C VAL A 252 -0.69 -21.76 15.54
N ASN A 253 -1.32 -21.25 16.60
CA ASN A 253 -2.03 -22.10 17.58
C ASN A 253 -3.22 -22.82 16.96
N ASN A 254 -4.09 -22.08 16.26
CA ASN A 254 -5.25 -22.69 15.57
C ASN A 254 -4.80 -23.67 14.50
N LEU A 255 -3.83 -23.26 13.68
CA LEU A 255 -3.26 -24.13 12.64
C LEU A 255 -2.76 -25.46 13.21
N GLU A 256 -2.06 -25.38 14.34
CA GLU A 256 -1.57 -26.58 15.04
C GLU A 256 -2.71 -27.43 15.62
N ASP A 257 -3.69 -26.78 16.25
CA ASP A 257 -4.89 -27.46 16.78
C ASP A 257 -5.60 -28.27 15.69
N LEU A 258 -5.74 -27.65 14.52
CA LEU A 258 -6.44 -28.27 13.39
C LEU A 258 -5.63 -29.42 12.78
N ARG A 259 -4.31 -29.28 12.77
CA ARG A 259 -3.44 -30.39 12.32
C ARG A 259 -3.55 -31.58 13.24
N GLU A 260 -3.49 -31.36 14.56
CA GLU A 260 -3.60 -32.49 15.51
C GLU A 260 -4.99 -33.11 15.50
N LYS A 261 -6.03 -32.27 15.39
CA LYS A 261 -7.40 -32.73 15.20
C LYS A 261 -7.52 -33.80 14.11
N HIS A 262 -6.94 -33.53 12.93
CA HIS A 262 -6.96 -34.47 11.81
C HIS A 262 -5.74 -35.39 11.72
N ASP A 263 -4.94 -35.47 12.79
CA ASP A 263 -3.76 -36.35 12.87
C ASP A 263 -2.88 -36.33 11.61
N LEU A 264 -2.40 -35.13 11.27
CA LEU A 264 -1.59 -34.89 10.08
C LEU A 264 -0.19 -34.46 10.43
N HIS A 265 0.71 -34.50 9.45
CA HIS A 265 2.09 -34.04 9.64
C HIS A 265 2.31 -32.70 8.96
N THR A 266 3.08 -31.83 9.62
CA THR A 266 3.39 -30.48 9.12
C THR A 266 4.00 -30.49 7.72
N GLN A 267 4.89 -31.46 7.47
CA GLN A 267 5.55 -31.62 6.17
C GLN A 267 4.62 -31.79 4.94
N ASN A 268 3.37 -32.17 5.17
CA ASN A 268 2.38 -32.31 4.08
C ASN A 268 1.48 -31.06 3.88
N ILE A 269 1.74 -30.00 4.65
CA ILE A 269 0.90 -28.82 4.65
C ILE A 269 1.73 -27.60 4.23
N LYS A 270 1.40 -27.05 3.07
CA LYS A 270 2.11 -25.92 2.49
C LYS A 270 1.26 -24.66 2.62
N LEU A 271 1.84 -23.61 3.19
CA LEU A 271 1.12 -22.36 3.40
C LEU A 271 1.50 -21.39 2.29
N GLU A 272 0.57 -21.14 1.36
CA GLU A 272 0.77 -20.19 0.28
C GLU A 272 0.47 -18.77 0.73
N MET A 273 1.47 -17.90 0.64
CA MET A 273 1.39 -16.54 1.16
C MET A 273 1.72 -15.58 0.07
N THR A 274 1.04 -14.44 0.05
CA THR A 274 1.43 -13.35 -0.85
C THR A 274 2.76 -12.76 -0.41
N GLU A 275 3.57 -12.32 -1.37
CA GLU A 275 4.81 -11.58 -1.11
C GLU A 275 4.65 -10.24 -0.32
N ARG A 276 3.42 -9.71 -0.31
CA ARG A 276 3.07 -8.54 0.51
C ARG A 276 3.24 -8.73 2.02
N ILE A 277 3.33 -9.96 2.50
CA ILE A 277 3.71 -10.21 3.91
C ILE A 277 5.04 -9.55 4.29
N MET A 278 5.99 -9.47 3.35
CA MET A 278 7.29 -8.82 3.59
C MET A 278 7.33 -7.27 3.72
N MET A 279 6.17 -6.62 3.70
CA MET A 279 6.03 -5.23 4.14
C MET A 279 6.27 -5.09 5.65
N ASP A 280 6.11 -6.19 6.40
CA ASP A 280 6.49 -6.24 7.81
C ASP A 280 8.00 -6.48 8.06
N GLY A 281 8.72 -6.99 7.06
CA GLY A 281 10.17 -7.15 7.14
C GLY A 281 10.61 -8.07 8.28
N ALA A 282 11.32 -7.49 9.25
CA ALA A 282 11.79 -8.20 10.46
C ALA A 282 10.70 -9.02 11.20
N ILE A 283 9.51 -8.44 11.36
CA ILE A 283 8.36 -9.11 12.01
C ILE A 283 7.86 -10.31 11.18
N ALA A 284 7.92 -10.17 9.86
CA ALA A 284 7.52 -11.25 8.94
C ALA A 284 8.51 -12.41 8.95
N ILE A 285 9.82 -12.12 8.94
CA ILE A 285 10.87 -13.16 8.98
C ILE A 285 10.70 -14.07 10.22
N ASP A 286 10.40 -13.48 11.38
CA ASP A 286 10.19 -14.24 12.62
C ASP A 286 8.93 -15.13 12.55
N ALA A 287 7.81 -14.55 12.09
CA ALA A 287 6.55 -15.27 11.98
C ALA A 287 6.64 -16.49 11.03
N LEU A 288 7.32 -16.32 9.90
CA LEU A 288 7.61 -17.42 8.98
C LEU A 288 8.55 -18.44 9.59
N ASN A 289 9.58 -17.97 10.30
CA ASN A 289 10.55 -18.86 10.99
C ASN A 289 9.88 -19.67 12.10
N GLN A 290 8.82 -19.14 12.72
CA GLN A 290 8.02 -19.91 13.68
C GLN A 290 7.33 -21.11 13.01
N CYS A 291 6.61 -20.86 11.93
CA CYS A 291 6.00 -21.95 11.15
C CYS A 291 7.03 -22.95 10.61
N ARG A 292 8.14 -22.43 10.13
CA ARG A 292 9.17 -23.30 9.52
C ARG A 292 9.83 -24.21 10.56
N SER A 293 10.01 -23.72 11.78
CA SER A 293 10.56 -24.56 12.87
C SER A 293 9.60 -25.70 13.25
N LEU A 294 8.29 -25.46 13.11
CA LEU A 294 7.28 -26.52 13.28
C LEU A 294 7.27 -27.54 12.13
N GLY A 295 7.85 -27.17 10.99
CA GLY A 295 8.00 -28.08 9.84
C GLY A 295 7.01 -27.81 8.70
N TYR A 296 6.24 -26.72 8.79
CA TYR A 296 5.36 -26.34 7.68
C TYR A 296 6.19 -25.90 6.49
N ALA A 297 5.72 -26.25 5.29
CA ALA A 297 6.28 -25.72 4.06
C ALA A 297 5.66 -24.32 3.80
N ILE A 298 6.51 -23.36 3.45
CA ILE A 298 6.08 -21.98 3.11
C ILE A 298 6.35 -21.66 1.65
N SER A 299 5.35 -21.09 1.00
CA SER A 299 5.38 -20.80 -0.41
C SER A 299 5.00 -19.36 -0.66
N ILE A 300 5.69 -18.67 -1.55
CA ILE A 300 5.27 -17.35 -1.93
C ILE A 300 4.37 -17.43 -3.13
N ASP A 301 3.12 -17.08 -2.93
CA ASP A 301 2.07 -17.31 -3.90
C ASP A 301 2.17 -16.56 -5.21
N ASP A 302 2.62 -15.32 -5.19
CA ASP A 302 2.47 -14.46 -6.35
C ASP A 302 3.78 -13.82 -6.73
N PHE A 303 4.85 -14.57 -6.63
CA PHE A 303 6.19 -14.02 -6.73
C PHE A 303 6.43 -13.15 -7.93
N GLY A 304 6.95 -11.95 -7.69
CA GLY A 304 7.36 -11.09 -8.78
C GLY A 304 6.26 -10.19 -9.27
N THR A 305 5.11 -10.34 -8.65
CA THR A 305 4.00 -9.41 -8.78
C THR A 305 3.76 -8.86 -7.38
N GLY A 306 3.05 -7.74 -7.30
CA GLY A 306 2.76 -7.11 -6.00
C GLY A 306 4.06 -6.67 -5.35
N PHE A 307 4.15 -6.80 -4.04
CA PHE A 307 5.27 -6.24 -3.30
C PHE A 307 6.62 -7.01 -3.48
N SER A 308 7.68 -6.28 -3.78
CA SER A 308 9.01 -6.84 -3.95
C SER A 308 9.73 -6.95 -2.62
N GLY A 309 9.75 -8.18 -2.11
CA GLY A 309 10.64 -8.54 -1.01
C GLY A 309 11.88 -9.36 -1.33
N LEU A 310 12.56 -8.99 -2.42
CA LEU A 310 13.79 -9.65 -2.87
C LEU A 310 15.01 -9.39 -1.98
N GLN A 311 15.15 -8.17 -1.43
CA GLN A 311 16.13 -7.94 -0.35
C GLN A 311 15.98 -8.92 0.82
N TYR A 312 14.73 -9.27 1.13
CA TYR A 312 14.43 -10.14 2.25
C TYR A 312 14.53 -11.61 1.87
N LEU A 313 14.23 -11.95 0.63
CA LEU A 313 14.32 -13.33 0.11
C LEU A 313 15.67 -13.97 0.39
N THR A 314 16.68 -13.13 0.59
CA THR A 314 17.99 -13.57 1.08
C THR A 314 17.86 -14.40 2.38
N GLN A 315 17.04 -13.95 3.32
CA GLN A 315 16.86 -14.61 4.63
C GLN A 315 15.38 -14.94 4.92
N MET A 316 14.86 -15.93 4.22
CA MET A 316 13.48 -16.35 4.43
C MET A 316 13.30 -17.85 4.35
N PRO A 317 12.57 -18.44 5.32
CA PRO A 317 12.35 -19.88 5.37
C PRO A 317 11.35 -20.32 4.30
N ILE A 318 11.73 -20.12 3.04
CA ILE A 318 10.85 -20.28 1.90
C ILE A 318 11.30 -21.55 1.22
N SER A 319 10.37 -22.47 1.03
CA SER A 319 10.65 -23.75 0.37
C SER A 319 10.16 -23.70 -1.08
N PHE A 320 9.10 -22.94 -1.35
CA PHE A 320 8.53 -22.86 -2.68
C PHE A 320 8.23 -21.42 -3.09
N LEU A 321 8.28 -21.18 -4.40
CA LEU A 321 7.72 -19.99 -4.97
C LEU A 321 6.94 -20.37 -6.24
N LYS A 322 5.81 -19.67 -6.45
CA LYS A 322 4.96 -19.91 -7.60
C LYS A 322 5.19 -18.80 -8.61
N ILE A 323 5.46 -19.21 -9.85
CA ILE A 323 5.46 -18.30 -10.98
C ILE A 323 4.02 -18.12 -11.45
N ASP A 324 3.53 -16.89 -11.32
CA ASP A 324 2.14 -16.53 -11.62
C ASP A 324 1.77 -16.77 -13.08
N ARG A 325 0.51 -17.11 -13.33
CA ARG A 325 -0.01 -17.21 -14.72
C ARG A 325 0.34 -16.00 -15.62
N SER A 326 0.39 -14.80 -15.04
CA SER A 326 0.67 -13.59 -15.80
C SER A 326 2.02 -13.61 -16.52
N PHE A 327 3.01 -14.28 -15.92
CA PHE A 327 4.28 -14.58 -16.60
C PHE A 327 4.13 -15.68 -17.63
N VAL A 328 3.48 -16.77 -17.23
CA VAL A 328 3.45 -18.01 -18.04
C VAL A 328 2.72 -17.81 -19.38
N MET A 329 1.62 -17.07 -19.36
CA MET A 329 0.84 -16.77 -20.57
C MET A 329 1.56 -15.82 -21.56
N LYS A 330 2.71 -15.25 -21.15
CA LYS A 330 3.52 -14.40 -22.03
C LYS A 330 4.86 -15.01 -22.43
N ILE A 331 5.15 -16.25 -22.01
CA ILE A 331 6.43 -16.92 -22.30
C ILE A 331 6.76 -16.93 -23.79
N LEU A 332 5.81 -17.43 -24.58
CA LEU A 332 6.03 -17.64 -26.01
C LEU A 332 5.98 -16.34 -26.82
N SER A 333 5.10 -15.41 -26.45
CA SER A 333 4.90 -14.18 -27.23
C SER A 333 5.98 -13.12 -26.93
N ASP A 334 6.03 -12.67 -25.68
CA ASP A 334 6.92 -11.59 -25.24
C ASP A 334 8.23 -12.16 -24.67
N PRO A 335 9.34 -12.12 -25.43
CA PRO A 335 10.56 -12.83 -25.00
C PRO A 335 11.29 -12.18 -23.81
N LYS A 336 10.93 -10.94 -23.47
CA LYS A 336 11.36 -10.34 -22.21
C LYS A 336 10.66 -10.99 -20.98
N SER A 337 9.44 -11.49 -21.17
CA SER A 337 8.78 -12.33 -20.14
C SER A 337 9.47 -13.69 -20.00
N LYS A 338 9.93 -14.27 -21.11
CA LYS A 338 10.73 -15.50 -21.06
C LYS A 338 12.03 -15.31 -20.27
N ALA A 339 12.64 -14.13 -20.41
CA ALA A 339 13.89 -13.83 -19.70
C ALA A 339 13.67 -13.82 -18.20
N VAL A 340 12.62 -13.12 -17.77
CA VAL A 340 12.32 -12.96 -16.35
C VAL A 340 12.02 -14.31 -15.68
N VAL A 341 11.26 -15.16 -16.37
CA VAL A 341 10.92 -16.48 -15.86
C VAL A 341 12.17 -17.35 -15.65
N SER A 342 13.07 -17.37 -16.62
CA SER A 342 14.31 -18.13 -16.49
C SER A 342 15.16 -17.62 -15.31
N SER A 343 15.21 -16.30 -15.15
CA SER A 343 15.91 -15.68 -14.02
C SER A 343 15.35 -16.16 -12.68
N ILE A 344 14.03 -16.12 -12.53
CA ILE A 344 13.38 -16.54 -11.27
C ILE A 344 13.66 -18.01 -10.98
N ILE A 345 13.55 -18.86 -11.99
CA ILE A 345 13.79 -20.30 -11.84
C ILE A 345 15.23 -20.58 -11.40
N HIS A 346 16.19 -19.99 -12.11
CA HIS A 346 17.60 -20.17 -11.78
C HIS A 346 17.94 -19.61 -10.40
N LEU A 347 17.34 -18.47 -10.05
CA LEU A 347 17.53 -17.87 -8.74
C LEU A 347 16.97 -18.76 -7.64
N ALA A 348 15.75 -19.24 -7.81
CA ALA A 348 15.13 -20.14 -6.81
C ALA A 348 16.04 -21.34 -6.53
N HIS A 349 16.58 -21.96 -7.58
CA HIS A 349 17.52 -23.09 -7.43
C HIS A 349 18.79 -22.73 -6.66
N ALA A 350 19.29 -21.51 -6.83
CA ALA A 350 20.47 -21.03 -6.11
C ALA A 350 20.23 -20.85 -4.60
N MET A 351 18.95 -20.78 -4.19
CA MET A 351 18.57 -20.63 -2.78
C MET A 351 17.93 -21.91 -2.25
N ASP A 352 18.10 -23.04 -2.95
CA ASP A 352 17.29 -24.26 -2.78
C ASP A 352 15.83 -24.00 -2.42
N ILE A 353 15.19 -23.29 -3.35
CA ILE A 353 13.75 -23.07 -3.39
C ILE A 353 13.31 -23.76 -4.66
N GLU A 354 12.22 -24.52 -4.59
CA GLU A 354 11.63 -25.10 -5.79
C GLU A 354 10.49 -24.25 -6.30
N VAL A 355 10.15 -24.48 -7.56
CA VAL A 355 9.29 -23.61 -8.33
C VAL A 355 8.11 -24.42 -8.81
N ILE A 356 6.93 -23.80 -8.70
CA ILE A 356 5.72 -24.27 -9.33
C ILE A 356 5.30 -23.19 -10.32
N ALA A 357 5.19 -23.56 -11.60
CA ALA A 357 4.72 -22.63 -12.63
C ALA A 357 3.24 -22.90 -12.83
N GLU A 358 2.42 -21.90 -12.59
CA GLU A 358 0.97 -22.06 -12.70
C GLU A 358 0.40 -21.36 -13.93
N GLY A 359 -0.83 -21.71 -14.25
CA GLY A 359 -1.49 -21.22 -15.45
C GLY A 359 -1.02 -21.91 -16.71
N ILE A 360 -0.54 -23.15 -16.59
CA ILE A 360 -0.03 -23.88 -17.75
C ILE A 360 -1.24 -24.46 -18.50
N GLU A 361 -1.46 -23.96 -19.72
CA GLU A 361 -2.60 -24.34 -20.55
C GLU A 361 -2.25 -25.08 -21.85
N HIS A 362 -0.97 -25.12 -22.21
CA HIS A 362 -0.51 -25.71 -23.47
C HIS A 362 0.81 -26.46 -23.25
N HIS A 363 0.98 -27.55 -24.01
CA HIS A 363 2.17 -28.40 -23.97
C HIS A 363 3.46 -27.60 -24.25
N GLU A 364 3.40 -26.67 -25.20
CA GLU A 364 4.54 -25.80 -25.57
C GLU A 364 5.05 -24.95 -24.40
N GLU A 365 4.12 -24.46 -23.57
CA GLU A 365 4.47 -23.76 -22.33
C GLU A 365 5.18 -24.71 -21.34
N ALA A 366 4.65 -25.92 -21.16
CA ALA A 366 5.26 -26.91 -20.24
C ALA A 366 6.65 -27.32 -20.71
N LEU A 367 6.80 -27.46 -22.03
CA LEU A 367 8.09 -27.78 -22.63
C LEU A 367 9.12 -26.72 -22.22
N VAL A 368 8.83 -25.47 -22.56
CA VAL A 368 9.75 -24.36 -22.28
C VAL A 368 10.10 -24.27 -20.78
N LEU A 369 9.08 -24.35 -19.92
CA LEU A 369 9.30 -24.29 -18.47
C LEU A 369 10.18 -25.44 -17.93
N GLU A 370 10.06 -26.63 -18.52
CA GLU A 370 10.89 -27.77 -18.10
C GLU A 370 12.36 -27.58 -18.56
N THR A 371 12.56 -27.08 -19.77
CA THR A 371 13.89 -26.78 -20.29
C THR A 371 14.59 -25.72 -19.42
N LEU A 372 13.84 -24.68 -19.02
CA LEU A 372 14.36 -23.66 -18.09
C LEU A 372 14.62 -24.17 -16.67
N GLY A 373 14.02 -25.30 -16.28
CA GLY A 373 14.33 -25.97 -15.01
C GLY A 373 13.24 -25.99 -13.94
N ALA A 374 12.01 -25.57 -14.27
CA ALA A 374 10.90 -25.64 -13.29
C ALA A 374 10.50 -27.09 -13.05
N ARG A 375 10.42 -27.49 -11.78
CA ARG A 375 10.13 -28.88 -11.42
C ARG A 375 8.63 -29.21 -11.43
N PHE A 376 7.82 -28.29 -10.91
CA PHE A 376 6.38 -28.51 -10.77
C PHE A 376 5.59 -27.55 -11.64
N GLY A 377 4.34 -27.93 -11.93
CA GLY A 377 3.43 -27.11 -12.73
C GLY A 377 2.00 -27.33 -12.31
N GLN A 378 1.15 -26.33 -12.54
CA GLN A 378 -0.30 -26.50 -12.44
C GLN A 378 -1.00 -25.67 -13.50
N GLY A 379 -2.23 -26.09 -13.83
CA GLY A 379 -3.03 -25.50 -14.89
C GLY A 379 -3.93 -26.45 -15.65
N TYR A 380 -4.77 -25.84 -16.49
CA TYR A 380 -5.74 -26.53 -17.37
C TYR A 380 -5.12 -27.66 -18.20
N LEU A 381 -3.87 -27.51 -18.63
CA LEU A 381 -3.21 -28.58 -19.39
C LEU A 381 -3.29 -29.90 -18.65
N PHE A 382 -3.03 -29.87 -17.35
CA PHE A 382 -3.09 -31.09 -16.53
C PHE A 382 -4.49 -31.31 -15.99
N SER A 383 -5.04 -30.31 -15.30
CA SER A 383 -6.40 -30.37 -14.78
C SER A 383 -6.82 -29.04 -14.19
N LYS A 384 -8.09 -28.70 -14.39
CA LYS A 384 -8.72 -27.58 -13.71
C LYS A 384 -9.02 -27.95 -12.27
N PRO A 385 -9.39 -26.97 -11.42
CA PRO A 385 -9.78 -27.33 -10.06
C PRO A 385 -11.02 -28.23 -10.06
N VAL A 386 -11.00 -29.28 -9.25
CA VAL A 386 -12.11 -30.23 -9.18
C VAL A 386 -12.47 -30.54 -7.74
N ASP A 387 -13.69 -31.01 -7.53
CA ASP A 387 -14.09 -31.47 -6.19
C ASP A 387 -13.26 -32.70 -5.76
N LEU A 388 -13.34 -32.97 -4.47
CA LEU A 388 -12.57 -34.02 -3.83
C LEU A 388 -12.78 -35.38 -4.51
N GLY A 389 -14.04 -35.70 -4.80
CA GLY A 389 -14.43 -36.95 -5.43
C GLY A 389 -13.70 -37.17 -6.75
N ARG A 390 -13.68 -36.16 -7.60
CA ARG A 390 -12.95 -36.27 -8.87
C ARG A 390 -11.43 -36.28 -8.68
N PHE A 391 -10.94 -35.56 -7.66
CA PHE A 391 -9.50 -35.56 -7.35
C PHE A 391 -9.01 -36.94 -6.91
N LEU A 392 -9.79 -37.57 -6.04
CA LEU A 392 -9.52 -38.96 -5.62
C LEU A 392 -9.45 -39.95 -6.81
N LYS A 393 -10.26 -39.72 -7.85
CA LYS A 393 -10.14 -40.49 -9.10
C LYS A 393 -8.85 -40.18 -9.89
N LEU A 394 -8.49 -38.89 -10.00
CA LEU A 394 -7.26 -38.48 -10.72
C LEU A 394 -5.98 -39.09 -10.14
N ILE A 395 -5.89 -39.15 -8.82
CA ILE A 395 -4.80 -39.82 -8.11
C ILE A 395 -4.47 -41.25 -8.59
N LYS A 396 -5.52 -42.02 -8.84
CA LYS A 396 -5.38 -43.44 -9.21
C LYS A 396 -4.79 -43.65 -10.61
N LEU A 397 -5.01 -42.70 -11.52
CA LEU A 397 -4.36 -42.71 -12.85
C LEU A 397 -2.82 -42.67 -12.72
N GLN B 1 -27.80 -6.41 4.33
CA GLN B 1 -29.03 -7.00 4.95
C GLN B 1 -30.01 -5.88 5.38
N SER B 2 -31.28 -6.04 5.01
CA SER B 2 -32.29 -4.97 5.09
C SER B 2 -33.48 -5.39 5.97
N VAL B 3 -33.98 -4.48 6.82
CA VAL B 3 -34.99 -4.79 7.83
C VAL B 3 -36.08 -3.72 7.90
N ASP B 4 -37.35 -4.15 8.00
CA ASP B 4 -38.51 -3.28 7.96
C ASP B 4 -39.13 -3.17 9.35
N ILE B 5 -39.29 -1.94 9.84
CA ILE B 5 -39.86 -1.65 11.17
C ILE B 5 -41.13 -0.82 11.02
N HIS B 6 -42.13 -1.15 11.84
CA HIS B 6 -43.43 -0.48 11.81
C HIS B 6 -43.39 0.88 12.48
N LYS B 7 -44.34 1.72 12.07
CA LYS B 7 -44.53 3.05 12.67
C LYS B 7 -44.65 2.90 14.17
N ASP B 8 -43.93 3.74 14.91
CA ASP B 8 -43.99 3.86 16.38
C ASP B 8 -43.13 2.88 17.19
N GLN B 9 -42.44 1.98 16.53
CA GLN B 9 -41.58 1.03 17.23
C GLN B 9 -40.30 1.75 17.70
N ILE B 10 -40.01 1.58 19.00
CA ILE B 10 -38.77 2.07 19.60
C ILE B 10 -37.67 1.14 19.10
N ILE B 11 -36.78 1.67 18.27
CA ILE B 11 -35.70 0.88 17.68
C ILE B 11 -34.63 0.59 18.72
N PHE B 12 -34.26 1.60 19.48
CA PHE B 12 -33.55 1.41 20.76
C PHE B 12 -33.74 2.62 21.67
N SER B 13 -33.40 2.44 22.94
CA SER B 13 -33.58 3.45 23.97
C SER B 13 -32.27 4.02 24.47
N GLU B 14 -32.32 5.28 24.89
CA GLU B 14 -31.23 5.93 25.61
C GLU B 14 -30.81 5.04 26.77
N GLY B 15 -29.52 4.73 26.87
CA GLY B 15 -29.00 3.92 27.96
C GLY B 15 -28.77 2.44 27.65
N ASP B 16 -29.31 1.95 26.53
CA ASP B 16 -29.07 0.57 26.09
C ASP B 16 -27.63 0.38 25.64
N ALA B 17 -27.20 -0.88 25.61
CA ALA B 17 -25.92 -1.27 25.04
C ALA B 17 -26.05 -1.22 23.52
N GLY B 18 -24.99 -0.77 22.86
CA GLY B 18 -24.99 -0.64 21.42
C GLY B 18 -24.60 -1.95 20.80
N ASP B 19 -25.41 -2.44 19.86
CA ASP B 19 -25.03 -3.63 19.08
C ASP B 19 -24.61 -3.20 17.68
N CYS B 20 -25.49 -2.52 16.95
CA CYS B 20 -25.18 -2.07 15.59
C CYS B 20 -25.70 -0.66 15.28
N ALA B 21 -25.29 -0.15 14.12
CA ALA B 21 -25.83 1.09 13.58
C ALA B 21 -26.74 0.75 12.41
N TYR B 22 -27.40 1.76 11.86
CA TYR B 22 -28.44 1.56 10.84
C TYR B 22 -28.45 2.71 9.85
N ILE B 23 -28.57 2.40 8.55
CA ILE B 23 -28.71 3.39 7.50
C ILE B 23 -30.16 3.37 7.05
N ILE B 24 -30.78 4.54 7.00
CA ILE B 24 -32.19 4.62 6.65
C ILE B 24 -32.28 4.56 5.13
N GLU B 25 -33.03 3.59 4.62
CA GLU B 25 -33.33 3.48 3.18
C GLU B 25 -34.71 4.03 2.85
N LYS B 26 -35.68 3.83 3.73
CA LYS B 26 -36.99 4.45 3.56
C LYS B 26 -37.54 4.97 4.89
N GLY B 27 -38.28 6.07 4.79
CA GLY B 27 -38.99 6.64 5.93
C GLY B 27 -38.18 7.58 6.80
N ARG B 28 -38.68 7.74 8.03
CA ARG B 28 -38.23 8.76 8.96
C ARG B 28 -38.20 8.25 10.39
N VAL B 29 -37.20 8.68 11.15
CA VAL B 29 -37.00 8.27 12.55
C VAL B 29 -36.79 9.53 13.42
N LEU B 30 -37.25 9.48 14.67
CA LEU B 30 -37.09 10.60 15.61
C LEU B 30 -36.02 10.28 16.64
N ILE B 31 -35.06 11.19 16.85
CA ILE B 31 -34.03 11.04 17.88
C ILE B 31 -34.48 11.91 19.05
N TYR B 32 -34.64 11.31 20.22
CA TYR B 32 -35.13 12.02 21.42
C TYR B 32 -34.40 11.59 22.69
N LEU B 33 -34.41 12.48 23.68
CA LEU B 33 -34.04 12.15 25.06
C LEU B 33 -35.33 12.17 25.86
N THR B 34 -35.34 11.44 26.99
CA THR B 34 -36.45 11.51 27.96
C THR B 34 -35.94 12.05 29.28
N LYS B 35 -36.69 12.97 29.87
CA LYS B 35 -36.33 13.55 31.17
C LYS B 35 -37.59 13.74 32.00
N ASP B 36 -37.90 12.74 32.83
CA ASP B 36 -39.12 12.69 33.65
C ASP B 36 -40.37 12.67 32.76
N LYS B 37 -40.47 11.61 31.96
CA LYS B 37 -41.61 11.38 31.05
C LYS B 37 -41.82 12.47 29.97
N GLU B 38 -41.09 13.59 30.03
CA GLU B 38 -41.08 14.59 28.98
C GLU B 38 -40.08 14.15 27.93
N GLU B 39 -40.53 14.11 26.69
CA GLU B 39 -39.74 13.66 25.56
C GLU B 39 -39.17 14.89 24.88
N ILE B 40 -37.85 14.93 24.76
CA ILE B 40 -37.12 16.10 24.22
C ILE B 40 -36.56 15.74 22.83
N PRO B 41 -37.16 16.27 21.75
CA PRO B 41 -36.71 15.93 20.42
C PRO B 41 -35.37 16.57 20.06
N LEU B 42 -34.43 15.77 19.59
CA LEU B 42 -33.18 16.27 19.04
C LEU B 42 -33.30 16.52 17.53
N THR B 43 -33.80 15.54 16.78
CA THR B 43 -33.94 15.69 15.31
C THR B 43 -34.76 14.58 14.69
N ILE B 44 -35.19 14.81 13.44
CA ILE B 44 -35.79 13.78 12.60
C ILE B 44 -34.80 13.42 11.50
N LEU B 45 -34.48 12.13 11.36
CA LEU B 45 -33.58 11.62 10.32
C LEU B 45 -34.36 10.92 9.21
N GLY B 46 -33.93 11.13 7.96
CA GLY B 46 -34.58 10.53 6.79
C GLY B 46 -33.63 9.67 5.99
N GLU B 47 -34.02 9.37 4.75
CA GLU B 47 -33.22 8.53 3.83
C GLU B 47 -31.75 8.93 3.75
N GLY B 48 -30.86 7.95 3.85
CA GLY B 48 -29.41 8.17 3.74
C GLY B 48 -28.66 8.44 5.04
N GLU B 49 -29.35 8.91 6.07
CA GLU B 49 -28.77 9.11 7.40
C GLU B 49 -28.40 7.80 8.07
N ILE B 50 -27.26 7.81 8.76
CA ILE B 50 -26.81 6.68 9.56
C ILE B 50 -27.02 7.06 11.01
N PHE B 51 -27.52 6.13 11.83
CA PHE B 51 -27.69 6.39 13.25
C PHE B 51 -27.31 5.16 14.06
N GLY B 52 -26.85 5.42 15.28
CA GLY B 52 -26.36 4.37 16.16
C GLY B 52 -24.88 4.07 16.03
N GLU B 53 -24.18 4.86 15.22
CA GLU B 53 -22.72 4.77 15.13
C GLU B 53 -22.02 5.07 16.44
N MET B 54 -22.55 6.00 17.24
CA MET B 54 -21.80 6.58 18.36
C MET B 54 -21.46 5.56 19.45
N ALA B 55 -22.43 4.74 19.85
CA ALA B 55 -22.19 3.68 20.84
C ALA B 55 -21.10 2.72 20.38
N LEU B 56 -21.08 2.44 19.08
CA LEU B 56 -20.13 1.49 18.50
C LEU B 56 -18.70 2.01 18.49
N ILE B 57 -18.53 3.30 18.24
CA ILE B 57 -17.20 3.86 18.03
C ILE B 57 -16.34 3.89 19.31
N ASP B 58 -16.96 4.04 20.47
CA ASP B 58 -16.21 4.13 21.74
C ASP B 58 -16.82 3.34 22.91
N ASN B 59 -17.51 2.24 22.57
CA ASN B 59 -18.21 1.37 23.53
C ASN B 59 -18.83 2.11 24.71
N GLN B 60 -19.68 3.07 24.41
CA GLN B 60 -20.55 3.68 25.41
C GLN B 60 -21.97 3.20 25.11
N ASN B 61 -22.89 3.47 26.03
CA ASN B 61 -24.30 3.17 25.79
C ASN B 61 -24.91 4.16 24.80
N ARG B 62 -26.13 3.88 24.37
CA ARG B 62 -26.87 4.79 23.50
C ARG B 62 -27.02 6.16 24.18
N SER B 63 -26.64 7.21 23.44
CA SER B 63 -26.77 8.60 23.90
C SER B 63 -28.18 9.18 23.68
N ALA B 64 -29.04 8.46 22.97
CA ALA B 64 -30.41 8.89 22.74
C ALA B 64 -31.31 7.71 22.34
N SER B 65 -32.61 7.93 22.41
CA SER B 65 -33.62 6.95 21.95
C SER B 65 -34.03 7.27 20.54
N VAL B 66 -34.54 6.25 19.84
CA VAL B 66 -34.88 6.35 18.43
C VAL B 66 -36.20 5.64 18.17
N ARG B 67 -37.20 6.38 17.69
CA ARG B 67 -38.52 5.82 17.36
C ARG B 67 -38.85 6.06 15.89
N ALA B 68 -39.38 5.03 15.24
CA ALA B 68 -39.90 5.15 13.87
C ALA B 68 -41.13 6.05 13.86
N LEU B 69 -41.10 7.12 13.06
CA LEU B 69 -42.25 8.02 12.90
C LEU B 69 -43.25 7.50 11.88
N GLU B 70 -42.79 6.58 11.04
CA GLU B 70 -43.59 5.95 10.01
C GLU B 70 -42.92 4.60 9.72
N ASP B 71 -43.46 3.80 8.79
CA ASP B 71 -42.78 2.56 8.41
C ASP B 71 -41.41 2.90 7.85
N VAL B 72 -40.38 2.20 8.33
CA VAL B 72 -38.99 2.42 7.91
C VAL B 72 -38.29 1.14 7.49
N ARG B 73 -37.28 1.30 6.63
CA ARG B 73 -36.42 0.22 6.20
C ARG B 73 -34.97 0.61 6.51
N LEU B 74 -34.29 -0.25 7.27
CA LEU B 74 -32.95 0.01 7.77
C LEU B 74 -31.98 -1.02 7.22
N ALA B 75 -30.80 -0.54 6.80
CA ALA B 75 -29.68 -1.42 6.46
C ALA B 75 -28.83 -1.55 7.73
N ILE B 76 -28.44 -2.78 8.07
CA ILE B 76 -27.68 -3.00 9.29
C ILE B 76 -26.18 -2.88 9.04
N VAL B 77 -25.54 -2.06 9.89
CA VAL B 77 -24.06 -1.94 9.89
C VAL B 77 -23.60 -2.50 11.22
N THR B 78 -22.68 -3.45 11.22
CA THR B 78 -22.21 -4.08 12.46
C THR B 78 -21.16 -3.25 13.18
N LYS B 79 -21.04 -3.48 14.48
CA LYS B 79 -19.93 -2.98 15.28
C LYS B 79 -18.60 -3.16 14.56
N GLN B 80 -18.32 -4.38 14.12
CA GLN B 80 -17.04 -4.69 13.49
C GLN B 80 -16.82 -3.91 12.19
N GLN B 81 -17.88 -3.75 11.41
CA GLN B 81 -17.81 -2.96 10.16
C GLN B 81 -17.47 -1.50 10.40
N VAL B 82 -18.00 -0.92 11.48
CA VAL B 82 -17.70 0.47 11.82
C VAL B 82 -16.29 0.59 12.39
N LEU B 83 -15.96 -0.25 13.37
CA LEU B 83 -14.59 -0.28 13.96
C LEU B 83 -13.47 -0.52 12.92
N GLU B 84 -13.73 -1.42 11.98
CA GLU B 84 -12.78 -1.71 10.89
C GLU B 84 -12.49 -0.48 10.03
N ARG B 85 -13.55 0.17 9.56
CA ARG B 85 -13.44 1.32 8.64
C ARG B 85 -12.80 2.52 9.36
N VAL B 86 -13.10 2.67 10.64
CA VAL B 86 -12.52 3.72 11.48
C VAL B 86 -11.04 3.47 11.76
N SER B 87 -10.69 2.27 12.20
CA SER B 87 -9.30 1.93 12.58
C SER B 87 -8.32 1.97 11.41
N THR B 88 -8.81 1.77 10.18
CA THR B 88 -7.99 1.81 8.98
C THR B 88 -7.95 3.19 8.29
N ALA B 89 -8.61 4.19 8.87
CA ALA B 89 -8.65 5.52 8.27
C ALA B 89 -7.40 6.29 8.62
N ASP B 90 -7.07 7.26 7.79
CA ASP B 90 -5.99 8.21 8.06
C ASP B 90 -6.03 8.74 9.53
N LYS B 91 -4.88 8.89 10.17
CA LYS B 91 -4.83 9.25 11.60
C LYS B 91 -5.27 10.68 11.93
N VAL B 92 -5.12 11.58 10.97
CA VAL B 92 -5.67 12.94 11.07
C VAL B 92 -7.20 12.88 10.99
N VAL B 93 -7.73 12.03 10.12
CA VAL B 93 -9.18 11.80 10.01
C VAL B 93 -9.72 11.15 11.28
N GLN B 94 -9.01 10.16 11.82
CA GLN B 94 -9.34 9.58 13.12
C GLN B 94 -9.37 10.63 14.24
N LEU B 95 -8.42 11.57 14.22
CA LEU B 95 -8.38 12.65 15.20
C LEU B 95 -9.62 13.54 15.05
N LEU B 96 -9.92 13.93 13.81
CA LEU B 96 -11.07 14.77 13.50
C LEU B 96 -12.38 14.13 14.00
N MET B 97 -12.54 12.83 13.75
CA MET B 97 -13.71 12.08 14.19
C MET B 97 -13.83 12.04 15.71
N ARG B 98 -12.75 11.74 16.41
CA ARG B 98 -12.78 11.74 17.88
C ARG B 98 -13.17 13.08 18.48
N VAL B 99 -12.65 14.17 17.92
CA VAL B 99 -12.96 15.53 18.43
C VAL B 99 -14.43 15.86 18.19
N LEU B 100 -14.95 15.56 17.00
CA LEU B 100 -16.37 15.78 16.72
C LEU B 100 -17.27 14.93 17.62
N LEU B 101 -16.94 13.65 17.76
CA LEU B 101 -17.70 12.75 18.65
C LEU B 101 -17.80 13.35 20.05
N LYS B 102 -16.64 13.69 20.62
CA LYS B 102 -16.58 14.14 22.01
C LYS B 102 -17.34 15.48 22.19
N ARG B 103 -17.28 16.33 21.18
CA ARG B 103 -17.96 17.62 21.25
C ARG B 103 -19.46 17.47 21.11
N LEU B 104 -19.92 16.60 20.23
CA LEU B 104 -21.35 16.33 20.08
C LEU B 104 -21.95 15.72 21.37
N ARG B 105 -21.25 14.81 22.02
CA ARG B 105 -21.71 14.28 23.32
C ARG B 105 -21.78 15.37 24.41
N ARG B 106 -20.79 16.23 24.45
CA ARG B 106 -20.89 17.50 25.19
C ARG B 106 -21.86 18.41 24.43
N GLY B 131 -4.35 8.30 19.37
CA GLY B 131 -3.03 8.63 18.83
C GLY B 131 -2.90 10.11 18.51
N THR B 132 -3.44 10.94 19.40
CA THR B 132 -3.66 12.39 19.15
C THR B 132 -2.37 13.24 19.05
N GLN B 133 -1.41 13.03 19.94
CA GLN B 133 -0.15 13.78 19.92
C GLN B 133 0.72 13.41 18.73
N SER B 134 0.54 12.20 18.17
CA SER B 134 1.23 11.75 16.98
C SER B 134 0.71 12.45 15.70
N ALA B 135 -0.61 12.70 15.69
CA ALA B 135 -1.34 13.27 14.57
C ALA B 135 -1.12 14.78 14.47
N LEU B 136 -1.14 15.46 15.61
CA LEU B 136 -0.80 16.89 15.65
C LEU B 136 0.65 17.12 15.15
N ASP B 137 1.55 16.19 15.52
CA ASP B 137 2.96 16.29 15.12
C ASP B 137 3.17 16.17 13.61
N GLN B 138 2.43 15.24 12.99
CA GLN B 138 2.49 15.04 11.55
C GLN B 138 2.03 16.29 10.80
N ILE B 139 0.93 16.88 11.26
CA ILE B 139 0.43 18.14 10.72
C ILE B 139 1.49 19.23 10.79
N LYS B 140 2.12 19.35 11.97
CA LYS B 140 3.14 20.38 12.20
C LYS B 140 4.40 20.17 11.35
N LEU B 141 4.88 18.93 11.33
CA LEU B 141 6.07 18.58 10.55
C LEU B 141 5.88 18.98 9.08
N GLU B 142 4.74 18.63 8.49
CA GLU B 142 4.44 19.01 7.09
C GLU B 142 4.57 20.50 6.88
N ASN B 143 3.93 21.29 7.76
CA ASN B 143 4.00 22.75 7.68
C ASN B 143 5.41 23.29 7.89
N GLN B 144 6.18 22.63 8.76
CA GLN B 144 7.59 22.97 8.96
C GLN B 144 8.42 22.67 7.68
N ILE B 145 8.16 21.53 7.04
CA ILE B 145 8.86 21.14 5.80
C ILE B 145 8.63 22.16 4.69
N PHE B 146 7.36 22.53 4.48
CA PHE B 146 6.98 23.39 3.37
C PHE B 146 7.43 24.83 3.57
N GLN B 147 7.40 25.29 4.82
CA GLN B 147 7.94 26.62 5.16
C GLN B 147 9.45 26.67 4.93
N ALA B 148 10.14 25.59 5.29
CA ALA B 148 11.58 25.53 5.04
C ALA B 148 11.88 25.56 3.53
N PHE B 149 11.10 24.83 2.73
CA PHE B 149 11.20 24.94 1.26
C PHE B 149 11.07 26.38 0.78
N GLN B 150 9.98 27.04 1.19
CA GLN B 150 9.73 28.45 0.82
C GLN B 150 10.69 29.47 1.44
N ASN B 151 11.30 29.13 2.57
CA ASN B 151 12.38 29.92 3.17
C ASN B 151 13.76 29.62 2.54
N LYS B 152 13.79 28.89 1.43
CA LYS B 152 15.01 28.55 0.68
C LYS B 152 16.06 27.75 1.46
N GLU B 153 15.58 26.90 2.37
CA GLU B 153 16.47 26.04 3.17
C GLU B 153 16.89 24.76 2.43
N PHE B 154 16.25 24.43 1.31
CA PHE B 154 16.61 23.25 0.53
C PHE B 154 17.62 23.60 -0.55
N GLU B 155 18.48 22.64 -0.87
CA GLU B 155 19.30 22.69 -2.09
C GLU B 155 19.51 21.27 -2.62
N LEU B 156 19.91 21.16 -3.88
CA LEU B 156 20.33 19.88 -4.46
C LEU B 156 21.82 19.70 -4.34
N PHE B 157 22.24 18.52 -3.88
CA PHE B 157 23.62 18.06 -4.02
C PHE B 157 23.63 17.02 -5.13
N TYR B 158 24.84 16.66 -5.59
CA TYR B 158 25.04 15.79 -6.75
C TYR B 158 26.06 14.73 -6.38
N GLN B 159 25.70 13.47 -6.57
CA GLN B 159 26.58 12.34 -6.25
C GLN B 159 27.03 11.66 -7.53
N PRO B 160 28.35 11.64 -7.78
CA PRO B 160 28.82 11.01 -9.03
C PRO B 160 28.43 9.55 -9.18
N ILE B 161 28.04 9.22 -10.40
CA ILE B 161 27.93 7.86 -10.91
C ILE B 161 29.16 7.62 -11.78
N VAL B 162 29.87 6.53 -11.52
CA VAL B 162 31.14 6.26 -12.20
C VAL B 162 31.10 4.97 -12.98
N ASN B 163 31.81 4.94 -14.11
CA ASN B 163 32.02 3.70 -14.88
C ASN B 163 32.99 2.85 -14.07
N LEU B 164 32.58 1.64 -13.73
CA LEU B 164 33.38 0.83 -12.79
C LEU B 164 34.79 0.45 -13.31
N LYS B 165 34.92 0.17 -14.62
CA LYS B 165 36.19 -0.33 -15.17
C LYS B 165 37.24 0.79 -15.26
N ASN B 166 36.87 1.91 -15.87
CA ASN B 166 37.79 3.04 -16.09
C ASN B 166 37.72 4.17 -15.03
N LYS B 167 36.88 4.01 -14.02
CA LYS B 167 36.78 4.95 -12.89
C LYS B 167 36.39 6.39 -13.22
N THR B 168 35.86 6.62 -14.42
CA THR B 168 35.46 7.94 -14.89
C THR B 168 34.03 8.31 -14.43
N ILE B 169 33.85 9.57 -14.01
CA ILE B 169 32.54 10.12 -13.71
C ILE B 169 31.73 10.23 -15.00
N THR B 170 30.62 9.48 -15.05
CA THR B 170 29.77 9.39 -16.23
C THR B 170 28.42 10.14 -16.07
N GLY B 171 28.13 10.58 -14.85
CA GLY B 171 26.87 11.23 -14.54
C GLY B 171 26.79 11.55 -13.07
N CYS B 172 25.61 11.98 -12.62
CA CYS B 172 25.34 12.22 -11.20
C CYS B 172 23.88 12.08 -10.89
N GLU B 173 23.58 11.77 -9.62
CA GLU B 173 22.22 11.82 -9.10
C GLU B 173 22.04 13.11 -8.32
N ALA B 174 20.97 13.84 -8.65
CA ALA B 174 20.43 14.93 -7.83
C ALA B 174 19.75 14.40 -6.57
N LEU B 175 20.22 14.87 -5.42
CA LEU B 175 19.73 14.46 -4.10
C LEU B 175 19.34 15.68 -3.28
N LEU B 176 18.14 15.67 -2.72
CA LEU B 176 17.60 16.80 -1.97
C LEU B 176 18.20 16.87 -0.58
N ARG B 177 18.55 18.08 -0.18
CA ARG B 177 19.22 18.35 1.08
C ARG B 177 18.52 19.51 1.78
N TRP B 178 18.39 19.40 3.10
CA TRP B 178 17.74 20.42 3.93
C TRP B 178 18.81 20.94 4.88
N ASN B 179 19.20 22.20 4.69
CA ASN B 179 20.25 22.78 5.53
C ASN B 179 19.62 23.72 6.53
N SER B 180 18.90 23.18 7.52
CA SER B 180 18.14 24.08 8.40
C SER B 180 19.07 24.79 9.39
N PRO B 181 19.05 26.14 9.40
CA PRO B 181 19.99 26.88 10.29
C PRO B 181 19.85 26.57 11.79
N GLN B 182 18.65 26.13 12.21
CA GLN B 182 18.38 25.86 13.63
C GLN B 182 18.92 24.49 14.06
N HIS B 183 18.75 23.50 13.19
CA HIS B 183 19.04 22.09 13.50
C HIS B 183 20.34 21.52 12.90
N GLY B 184 20.90 22.18 11.87
CA GLY B 184 22.10 21.71 11.20
C GLY B 184 21.65 20.89 10.02
N LEU B 185 22.25 19.72 9.86
CA LEU B 185 22.01 18.87 8.68
C LEU B 185 20.82 17.92 8.95
N VAL B 186 19.67 18.18 8.30
CA VAL B 186 18.42 17.43 8.57
C VAL B 186 18.33 16.17 7.68
N SER B 187 17.99 15.05 8.30
CA SER B 187 18.19 13.73 7.66
C SER B 187 17.07 13.47 6.63
N PRO B 188 17.44 12.96 5.43
CA PRO B 188 16.41 12.67 4.40
C PRO B 188 15.45 11.52 4.72
N ASN B 189 15.85 10.60 5.60
CA ASN B 189 14.98 9.64 6.29
C ASN B 189 13.65 10.25 6.75
N LEU B 190 13.70 11.43 7.36
CA LEU B 190 12.49 12.12 7.78
C LEU B 190 11.64 12.65 6.59
N PHE B 191 12.14 13.71 5.99
CA PHE B 191 11.26 14.59 5.22
C PHE B 191 10.94 14.10 3.85
N ILE B 192 11.71 13.16 3.27
CA ILE B 192 11.47 12.74 1.86
C ILE B 192 10.11 12.05 1.68
N ASP B 193 9.77 11.17 2.62
CA ASP B 193 8.46 10.49 2.60
C ASP B 193 7.30 11.46 2.83
N ILE B 194 7.45 12.34 3.81
CA ILE B 194 6.46 13.41 4.03
C ILE B 194 6.25 14.15 2.71
N ILE B 195 7.33 14.59 2.06
CA ILE B 195 7.19 15.36 0.82
C ILE B 195 6.46 14.54 -0.22
N GLU B 196 6.86 13.27 -0.39
CA GLU B 196 6.41 12.43 -1.51
C GLU B 196 4.94 11.97 -1.54
N ASN B 197 4.30 11.82 -0.38
CA ASN B 197 2.84 11.51 -0.36
C ASN B 197 2.10 12.68 0.28
N SER B 198 2.38 13.86 -0.27
CA SER B 198 1.77 15.11 0.10
C SER B 198 1.67 15.91 -1.18
N SER B 199 0.68 16.80 -1.28
CA SER B 199 0.52 17.61 -2.49
C SER B 199 1.71 18.52 -2.77
N MET B 200 2.47 18.89 -1.73
CA MET B 200 3.66 19.73 -1.90
C MET B 200 4.72 19.15 -2.86
N VAL B 201 4.73 17.83 -3.08
CA VAL B 201 5.55 17.18 -4.11
C VAL B 201 5.52 17.88 -5.46
N ILE B 202 4.37 18.44 -5.83
CA ILE B 202 4.25 19.08 -7.15
C ILE B 202 5.07 20.38 -7.22
N PRO B 203 4.84 21.34 -6.31
CA PRO B 203 5.72 22.51 -6.29
C PRO B 203 7.18 22.22 -5.92
N ILE B 204 7.42 21.28 -4.99
CA ILE B 204 8.80 20.94 -4.64
C ILE B 204 9.50 20.22 -5.82
N GLY B 205 8.80 19.25 -6.41
CA GLY B 205 9.27 18.53 -7.58
C GLY B 205 9.55 19.38 -8.80
N HIS B 206 8.71 20.39 -9.03
CA HIS B 206 8.95 21.34 -10.13
C HIS B 206 10.22 22.15 -9.89
N TRP B 207 10.45 22.55 -8.65
CA TRP B 207 11.69 23.23 -8.28
C TRP B 207 12.93 22.30 -8.44
N ILE B 208 12.82 21.05 -7.99
CA ILE B 208 13.91 20.07 -8.10
C ILE B 208 14.33 19.91 -9.57
N ILE B 209 13.36 19.64 -10.44
CA ILE B 209 13.65 19.36 -11.85
C ILE B 209 14.31 20.55 -12.54
N ASN B 210 13.75 21.75 -12.30
CA ASN B 210 14.33 22.96 -12.86
C ASN B 210 15.77 23.17 -12.42
N GLN B 211 16.03 22.95 -11.13
CA GLN B 211 17.36 23.13 -10.56
C GLN B 211 18.36 22.11 -11.14
N ALA B 212 17.95 20.84 -11.15
CA ALA B 212 18.77 19.78 -11.73
C ALA B 212 19.08 20.06 -13.18
N LEU B 213 18.08 20.46 -13.96
CA LEU B 213 18.27 20.76 -15.37
C LEU B 213 19.13 22.02 -15.57
N LYS B 214 18.94 23.02 -14.71
CA LYS B 214 19.80 24.19 -14.73
C LYS B 214 21.26 23.81 -14.49
N ASP B 215 21.49 22.97 -13.49
CA ASP B 215 22.85 22.57 -13.13
C ASP B 215 23.45 21.56 -14.12
N LEU B 216 22.60 20.81 -14.83
CA LEU B 216 23.07 19.97 -15.94
C LEU B 216 23.65 20.84 -17.06
N ARG B 217 22.94 21.90 -17.44
CA ARG B 217 23.40 22.86 -18.45
C ARG B 217 24.82 23.37 -18.10
N THR B 218 25.00 23.74 -16.83
CA THR B 218 26.28 24.20 -16.31
C THR B 218 27.37 23.14 -16.34
N ILE B 219 27.06 21.91 -15.96
CA ILE B 219 28.02 20.80 -16.00
C ILE B 219 28.51 20.53 -17.42
N GLN B 220 27.59 20.57 -18.37
CA GLN B 220 27.95 20.29 -19.76
C GLN B 220 28.85 21.41 -20.33
N ASP B 221 28.42 22.65 -20.12
CA ASP B 221 29.20 23.84 -20.54
C ASP B 221 30.61 23.82 -19.97
N GLN B 222 30.74 23.53 -18.68
CA GLN B 222 32.06 23.49 -18.05
C GLN B 222 32.89 22.34 -18.58
N LEU B 223 32.26 21.19 -18.80
CA LEU B 223 32.96 20.04 -19.38
C LEU B 223 33.52 20.38 -20.78
N ARG B 224 32.72 21.06 -21.60
CA ARG B 224 33.15 21.48 -22.95
C ARG B 224 34.30 22.50 -22.89
N LEU B 225 34.14 23.54 -22.06
CA LEU B 225 35.16 24.56 -21.80
C LEU B 225 36.50 24.01 -21.30
N ASN B 226 36.50 22.81 -20.71
CA ASN B 226 37.74 22.08 -20.38
C ASN B 226 38.04 20.93 -21.35
N LYS B 227 37.53 21.01 -22.58
CA LYS B 227 37.86 20.08 -23.68
C LYS B 227 37.48 18.61 -23.46
N LYS B 228 36.50 18.37 -22.59
CA LYS B 228 35.98 17.03 -22.35
C LYS B 228 34.66 16.93 -23.09
N GLU B 229 34.75 16.97 -24.41
CA GLU B 229 33.57 17.04 -25.27
C GLU B 229 32.71 15.78 -25.22
N ARG B 230 33.35 14.62 -25.22
CA ARG B 230 32.64 13.34 -25.23
C ARG B 230 31.98 13.06 -23.87
N MET B 231 32.67 13.45 -22.79
CA MET B 231 32.10 13.30 -21.45
C MET B 231 30.81 14.15 -21.30
N ALA B 232 30.83 15.39 -21.81
CA ALA B 232 29.68 16.27 -21.77
C ALA B 232 28.48 15.73 -22.56
N ASP B 233 28.75 15.15 -23.73
CA ASP B 233 27.70 14.55 -24.58
C ASP B 233 27.05 13.31 -23.92
N ASP B 234 27.86 12.52 -23.22
CA ASP B 234 27.39 11.26 -22.59
C ASP B 234 26.86 11.40 -21.13
N PHE B 235 26.88 12.62 -20.59
CA PHE B 235 26.62 12.85 -19.19
C PHE B 235 25.14 12.71 -18.88
N MET B 236 24.83 11.97 -17.82
CA MET B 236 23.46 11.68 -17.40
C MET B 236 23.19 12.36 -16.06
N MET B 237 22.23 13.27 -16.04
CA MET B 237 21.70 13.84 -14.79
C MET B 237 20.53 12.96 -14.38
N SER B 238 20.64 12.36 -13.20
CA SER B 238 19.63 11.45 -12.66
C SER B 238 18.74 12.19 -11.68
N ILE B 239 17.44 12.23 -11.96
CA ILE B 239 16.47 12.98 -11.16
C ILE B 239 15.42 12.04 -10.60
N ASN B 240 15.27 12.02 -9.28
CA ASN B 240 14.24 11.21 -8.61
C ASN B 240 12.86 11.78 -8.88
N ILE B 241 11.98 10.98 -9.45
CA ILE B 241 10.60 11.36 -9.73
C ILE B 241 9.68 10.45 -8.90
N SER B 242 8.87 11.04 -8.03
CA SER B 242 7.88 10.30 -7.23
C SER B 242 6.69 9.90 -8.08
N GLY B 243 5.94 8.90 -7.60
CA GLY B 243 4.70 8.47 -8.27
C GLY B 243 3.65 9.55 -8.46
N ARG B 244 3.40 10.32 -7.41
CA ARG B 244 2.43 11.43 -7.48
C ARG B 244 2.69 12.38 -8.63
N GLN B 245 3.94 12.87 -8.71
CA GLN B 245 4.30 13.82 -9.77
C GLN B 245 4.40 13.14 -11.13
N PHE B 246 4.75 11.85 -11.15
CA PHE B 246 4.78 11.13 -12.41
C PHE B 246 3.42 10.93 -13.05
N THR B 247 2.43 10.56 -12.23
CA THR B 247 1.05 10.34 -12.72
C THR B 247 0.20 11.61 -12.81
N HIS B 248 0.64 12.71 -12.20
CA HIS B 248 0.03 14.02 -12.44
C HIS B 248 0.13 14.30 -13.95
N SER B 249 -0.99 14.54 -14.60
CA SER B 249 -1.03 14.85 -16.03
C SER B 249 -0.32 16.18 -16.27
N ASP B 250 0.11 16.39 -17.50
CA ASP B 250 1.07 17.45 -17.88
C ASP B 250 2.44 17.45 -17.12
N PHE B 251 2.79 16.34 -16.47
CA PHE B 251 4.14 16.13 -15.97
C PHE B 251 5.13 16.15 -17.15
N VAL B 252 4.78 15.44 -18.21
CA VAL B 252 5.59 15.38 -19.42
C VAL B 252 5.68 16.74 -20.12
N ASN B 253 4.59 17.51 -20.09
CA ASN B 253 4.56 18.86 -20.70
C ASN B 253 5.50 19.83 -19.98
N ASN B 254 5.40 19.87 -18.65
CA ASN B 254 6.30 20.73 -17.84
C ASN B 254 7.76 20.29 -18.00
N LEU B 255 8.00 18.97 -17.89
CA LEU B 255 9.35 18.41 -18.09
C LEU B 255 9.95 18.83 -19.43
N GLU B 256 9.16 18.77 -20.49
CA GLU B 256 9.60 19.22 -21.82
C GLU B 256 9.85 20.74 -21.89
N ASP B 257 8.93 21.51 -21.32
CA ASP B 257 9.08 22.98 -21.23
C ASP B 257 10.40 23.36 -20.54
N LEU B 258 10.71 22.67 -19.45
CA LEU B 258 11.90 22.96 -18.66
C LEU B 258 13.18 22.51 -19.37
N ARG B 259 13.10 21.43 -20.14
CA ARG B 259 14.24 21.00 -20.97
C ARG B 259 14.53 22.04 -22.05
N GLU B 260 13.51 22.50 -22.76
CA GLU B 260 13.74 23.50 -23.82
C GLU B 260 14.18 24.86 -23.23
N LYS B 261 13.61 25.24 -22.09
CA LYS B 261 14.06 26.42 -21.33
C LYS B 261 15.59 26.44 -21.16
N HIS B 262 16.16 25.34 -20.70
CA HIS B 262 17.60 25.22 -20.48
C HIS B 262 18.37 24.63 -21.68
N ASP B 263 17.74 24.56 -22.87
CA ASP B 263 18.35 24.06 -24.11
C ASP B 263 19.17 22.77 -23.92
N LEU B 264 18.51 21.73 -23.42
CA LEU B 264 19.12 20.44 -23.11
C LEU B 264 18.56 19.36 -24.00
N HIS B 265 19.26 18.23 -24.05
CA HIS B 265 18.82 17.07 -24.80
C HIS B 265 18.28 15.99 -23.85
N THR B 266 17.20 15.33 -24.28
CA THR B 266 16.54 14.26 -23.51
C THR B 266 17.51 13.15 -23.13
N GLN B 267 18.40 12.78 -24.04
CA GLN B 267 19.41 11.75 -23.82
C GLN B 267 20.34 11.96 -22.61
N ASN B 268 20.46 13.19 -22.10
CA ASN B 268 21.26 13.48 -20.91
C ASN B 268 20.45 13.51 -19.60
N ILE B 269 19.16 13.21 -19.67
CA ILE B 269 18.25 13.32 -18.52
C ILE B 269 17.64 11.94 -18.20
N LYS B 270 17.99 11.41 -17.05
CA LYS B 270 17.51 10.12 -16.58
C LYS B 270 16.47 10.32 -15.46
N LEU B 271 15.30 9.72 -15.62
CA LEU B 271 14.23 9.84 -14.63
C LEU B 271 14.22 8.62 -13.72
N GLU B 272 14.67 8.78 -12.48
CA GLU B 272 14.69 7.71 -11.49
C GLU B 272 13.34 7.56 -10.81
N MET B 273 12.75 6.38 -10.94
CA MET B 273 11.45 6.12 -10.37
C MET B 273 11.46 4.90 -9.51
N THR B 274 10.59 4.88 -8.53
CA THR B 274 10.33 3.68 -7.75
C THR B 274 9.23 2.90 -8.46
N GLU B 275 9.38 1.59 -8.52
CA GLU B 275 8.42 0.78 -9.27
C GLU B 275 6.98 0.88 -8.82
N ARG B 276 6.72 1.56 -7.71
CA ARG B 276 5.35 1.71 -7.25
C ARG B 276 4.49 2.26 -8.37
N ILE B 277 5.15 2.81 -9.38
CA ILE B 277 4.50 3.37 -10.53
C ILE B 277 3.73 2.33 -11.29
N MET B 278 4.41 1.27 -11.68
CA MET B 278 3.83 0.25 -12.53
C MET B 278 2.49 -0.19 -12.00
N MET B 279 2.37 -0.14 -10.67
CA MET B 279 1.12 -0.38 -9.95
C MET B 279 -0.06 0.09 -10.75
N ASP B 280 0.07 1.29 -11.30
CA ASP B 280 -0.92 1.87 -12.17
C ASP B 280 -0.72 1.30 -13.55
N GLY B 281 -0.11 0.13 -13.57
CA GLY B 281 -0.24 -0.78 -14.71
C GLY B 281 -0.41 -0.04 -16.02
N ALA B 282 -1.46 -0.36 -16.74
CA ALA B 282 -1.55 0.08 -18.12
C ALA B 282 -1.33 1.58 -18.22
N ILE B 283 -1.91 2.34 -17.29
CA ILE B 283 -1.79 3.78 -17.30
C ILE B 283 -0.33 4.13 -17.40
N ALA B 284 0.43 3.67 -16.42
CA ALA B 284 1.86 3.91 -16.37
C ALA B 284 2.44 3.57 -17.70
N ILE B 285 2.59 2.28 -17.96
CA ILE B 285 3.19 1.92 -19.22
C ILE B 285 2.95 3.11 -20.16
N ASP B 286 1.89 3.85 -19.89
CA ASP B 286 1.57 5.04 -20.68
C ASP B 286 2.56 6.16 -20.81
N ALA B 287 2.87 6.83 -19.71
CA ALA B 287 3.70 8.04 -19.76
C ALA B 287 5.10 7.51 -19.94
N LEU B 288 5.43 6.46 -19.22
CA LEU B 288 6.76 5.90 -19.34
C LEU B 288 7.07 5.61 -20.77
N ASN B 289 6.09 5.16 -21.51
CA ASN B 289 6.30 4.90 -22.92
C ASN B 289 6.29 6.22 -23.65
N GLN B 290 5.61 7.19 -23.07
CA GLN B 290 5.61 8.52 -23.64
C GLN B 290 7.02 9.07 -23.64
N CYS B 291 7.54 9.31 -22.45
CA CYS B 291 8.89 9.84 -22.29
C CYS B 291 9.87 9.10 -23.16
N ARG B 292 9.85 7.80 -23.08
CA ARG B 292 10.87 7.05 -23.81
C ARG B 292 10.88 7.38 -25.29
N SER B 293 9.72 7.64 -25.88
CA SER B 293 9.65 8.06 -27.29
C SER B 293 10.30 9.45 -27.51
N LEU B 294 10.23 10.31 -26.50
CA LEU B 294 10.95 11.60 -26.50
C LEU B 294 12.46 11.44 -26.34
N GLY B 295 12.92 10.30 -25.83
CA GLY B 295 14.36 10.00 -25.68
C GLY B 295 14.88 10.14 -24.25
N TYR B 296 13.99 10.33 -23.27
CA TYR B 296 14.42 10.31 -21.88
C TYR B 296 14.85 8.90 -21.49
N ALA B 297 15.89 8.80 -20.66
CA ALA B 297 16.27 7.55 -20.03
C ALA B 297 15.40 7.35 -18.77
N ILE B 298 14.86 6.13 -18.60
CA ILE B 298 14.07 5.77 -17.41
C ILE B 298 14.77 4.69 -16.59
N SER B 299 14.79 4.90 -15.28
CA SER B 299 15.56 4.08 -14.35
C SER B 299 14.68 3.65 -13.19
N ILE B 300 14.72 2.36 -12.87
CA ILE B 300 14.06 1.85 -11.69
C ILE B 300 15.02 1.93 -10.51
N ASP B 301 14.68 2.83 -9.61
CA ASP B 301 15.39 3.11 -8.39
C ASP B 301 15.07 2.03 -7.34
N ASP B 302 16.05 1.68 -6.50
CA ASP B 302 15.82 0.76 -5.36
C ASP B 302 15.14 -0.55 -5.80
N PHE B 303 15.66 -1.14 -6.87
CA PHE B 303 15.10 -2.37 -7.47
C PHE B 303 15.20 -3.53 -6.51
N GLY B 304 14.13 -4.33 -6.44
CA GLY B 304 14.10 -5.50 -5.53
C GLY B 304 13.67 -5.20 -4.11
N THR B 305 13.43 -3.94 -3.79
CA THR B 305 12.82 -3.50 -2.56
C THR B 305 11.49 -2.85 -2.97
N GLY B 306 10.62 -2.63 -1.98
N GLY B 306 10.55 -2.64 -2.04
CA GLY B 306 9.40 -1.85 -2.18
CA GLY B 306 9.28 -1.99 -2.38
C GLY B 306 8.50 -2.54 -3.17
C GLY B 306 8.40 -2.85 -3.28
N PHE B 307 7.82 -1.78 -4.02
N PHE B 307 7.95 -2.33 -4.42
CA PHE B 307 7.15 -2.40 -5.16
CA PHE B 307 6.91 -3.01 -5.24
C PHE B 307 8.04 -2.23 -6.38
C PHE B 307 7.45 -3.76 -6.50
N SER B 308 9.35 -2.11 -6.19
N SER B 308 7.05 -5.02 -6.66
CA SER B 308 10.28 -1.97 -7.33
CA SER B 308 7.57 -5.91 -7.71
C SER B 308 10.70 -3.34 -7.89
C SER B 308 6.74 -5.87 -8.99
N GLY B 309 10.01 -3.81 -8.91
N GLY B 309 7.31 -5.36 -10.08
CA GLY B 309 9.81 -5.23 -9.06
CA GLY B 309 6.66 -5.41 -11.38
C GLY B 309 10.04 -5.83 -10.42
C GLY B 309 7.52 -6.06 -12.43
N LEU B 310 10.02 -7.16 -10.41
N LEU B 310 8.23 -7.10 -12.02
CA LEU B 310 10.30 -7.96 -11.60
CA LEU B 310 8.84 -7.99 -12.96
C LEU B 310 9.15 -7.99 -12.61
C LEU B 310 7.78 -8.33 -14.03
N GLN B 311 7.90 -8.09 -12.15
N GLN B 311 6.56 -8.59 -13.57
CA GLN B 311 6.84 -8.58 -13.08
CA GLN B 311 5.44 -9.01 -14.44
C GLN B 311 6.59 -7.63 -14.22
C GLN B 311 5.26 -8.12 -15.66
N TYR B 312 6.71 -6.35 -13.93
N TYR B 312 5.46 -6.82 -15.47
CA TYR B 312 6.37 -5.29 -14.88
CA TYR B 312 5.39 -5.87 -16.56
C TYR B 312 7.57 -4.98 -15.78
C TYR B 312 6.78 -5.60 -17.13
N LEU B 313 8.78 -5.10 -15.21
N LEU B 313 7.72 -5.19 -16.27
CA LEU B 313 10.04 -4.88 -15.94
CA LEU B 313 9.03 -4.73 -16.76
C LEU B 313 10.09 -5.67 -17.24
C LEU B 313 9.38 -5.56 -17.99
N THR B 314 9.31 -6.75 -17.32
N THR B 314 8.34 -6.09 -18.64
CA THR B 314 9.12 -7.50 -18.55
CA THR B 314 8.52 -6.88 -19.84
C THR B 314 8.68 -6.57 -19.71
C THR B 314 8.11 -6.08 -21.08
N GLN B 315 7.73 -5.66 -19.44
N GLN B 315 7.78 -4.80 -20.86
CA GLN B 315 7.18 -4.75 -20.45
CA GLN B 315 7.68 -3.80 -21.94
C GLN B 315 7.30 -3.28 -20.05
C GLN B 315 7.74 -2.40 -21.33
N MET B 316 8.53 -2.76 -20.07
N MET B 316 8.00 -2.35 -20.03
CA MET B 316 8.78 -1.39 -19.67
CA MET B 316 8.19 -1.09 -19.31
C MET B 316 9.92 -0.78 -20.45
C MET B 316 9.53 -0.52 -19.75
N PRO B 317 9.76 0.48 -20.91
N PRO B 317 9.50 0.52 -20.60
CA PRO B 317 10.83 1.22 -21.56
CA PRO B 317 10.68 1.07 -21.24
C PRO B 317 11.91 1.63 -20.54
C PRO B 317 11.76 1.47 -20.23
N ILE B 318 12.58 0.63 -19.99
N ILE B 318 12.54 0.48 -19.82
CA ILE B 318 13.53 0.80 -18.91
CA ILE B 318 13.56 0.66 -18.80
C ILE B 318 14.92 0.67 -19.48
C ILE B 318 14.93 0.65 -19.49
N SER B 319 15.75 1.67 -19.24
CA SER B 319 17.13 1.67 -19.70
C SER B 319 18.08 1.34 -18.57
N PHE B 320 17.71 1.70 -17.33
CA PHE B 320 18.57 1.47 -16.18
C PHE B 320 17.80 0.88 -15.01
N LEU B 321 18.50 0.12 -14.17
CA LEU B 321 18.02 -0.22 -12.87
C LEU B 321 19.15 -0.09 -11.86
N LYS B 322 18.80 0.39 -10.67
CA LYS B 322 19.75 0.59 -9.59
C LYS B 322 19.59 -0.53 -8.58
N ILE B 323 20.71 -1.18 -8.25
CA ILE B 323 20.79 -2.15 -7.18
C ILE B 323 21.00 -1.37 -5.88
N ASP B 324 20.02 -1.47 -4.99
CA ASP B 324 19.99 -0.75 -3.73
C ASP B 324 21.18 -1.10 -2.82
N ARG B 325 21.62 -0.13 -2.02
CA ARG B 325 22.66 -0.35 -1.01
C ARG B 325 22.42 -1.58 -0.14
N SER B 326 21.17 -1.90 0.17
CA SER B 326 20.82 -3.02 1.05
C SER B 326 21.35 -4.36 0.54
N PHE B 327 21.40 -4.54 -0.78
CA PHE B 327 22.03 -5.69 -1.39
C PHE B 327 23.55 -5.55 -1.38
N VAL B 328 24.05 -4.38 -1.77
CA VAL B 328 25.49 -4.17 -1.98
C VAL B 328 26.32 -4.35 -0.70
N MET B 329 25.79 -3.85 0.42
CA MET B 329 26.46 -3.98 1.72
C MET B 329 26.48 -5.41 2.27
N LYS B 330 25.79 -6.35 1.62
CA LYS B 330 25.79 -7.77 1.99
C LYS B 330 26.50 -8.69 0.99
N ILE B 331 27.06 -8.13 -0.09
CA ILE B 331 27.73 -8.91 -1.15
C ILE B 331 28.80 -9.86 -0.60
N LEU B 332 29.72 -9.29 0.16
CA LEU B 332 30.90 -10.00 0.63
C LEU B 332 30.57 -10.92 1.80
N SER B 333 29.68 -10.51 2.69
CA SER B 333 29.39 -11.27 3.92
C SER B 333 28.42 -12.43 3.67
N ASP B 334 27.21 -12.11 3.23
CA ASP B 334 26.13 -13.08 3.04
C ASP B 334 26.09 -13.56 1.57
N PRO B 335 26.60 -14.78 1.28
CA PRO B 335 26.77 -15.18 -0.13
C PRO B 335 25.45 -15.50 -0.88
N LYS B 336 24.35 -15.65 -0.13
CA LYS B 336 23.01 -15.67 -0.74
C LYS B 336 22.61 -14.30 -1.28
N SER B 337 23.10 -13.21 -0.68
CA SER B 337 22.94 -11.86 -1.25
C SER B 337 23.79 -11.68 -2.51
N LYS B 338 24.98 -12.28 -2.56
CA LYS B 338 25.78 -12.30 -3.79
C LYS B 338 25.05 -13.02 -4.93
N ALA B 339 24.32 -14.08 -4.62
CA ALA B 339 23.56 -14.81 -5.63
C ALA B 339 22.46 -13.93 -6.25
N VAL B 340 21.71 -13.24 -5.40
CA VAL B 340 20.60 -12.41 -5.85
C VAL B 340 21.09 -11.25 -6.73
N VAL B 341 22.19 -10.63 -6.35
CA VAL B 341 22.78 -9.55 -7.12
C VAL B 341 23.23 -9.99 -8.51
N SER B 342 23.90 -11.14 -8.59
CA SER B 342 24.29 -11.69 -9.90
C SER B 342 23.08 -11.98 -10.79
N SER B 343 22.03 -12.51 -10.20
CA SER B 343 20.77 -12.74 -10.92
C SER B 343 20.20 -11.44 -11.51
N ILE B 344 20.13 -10.38 -10.71
CA ILE B 344 19.60 -9.10 -11.18
C ILE B 344 20.44 -8.53 -12.31
N ILE B 345 21.76 -8.58 -12.15
CA ILE B 345 22.69 -8.06 -13.16
C ILE B 345 22.57 -8.84 -14.47
N HIS B 346 22.59 -10.16 -14.39
CA HIS B 346 22.45 -10.99 -15.60
C HIS B 346 21.10 -10.83 -16.26
N LEU B 347 20.04 -10.67 -15.46
CA LEU B 347 18.70 -10.41 -16.00
C LEU B 347 18.67 -9.06 -16.74
N ALA B 348 19.18 -8.01 -16.10
CA ALA B 348 19.22 -6.69 -16.72
C ALA B 348 19.92 -6.75 -18.09
N HIS B 349 21.07 -7.43 -18.17
CA HIS B 349 21.78 -7.62 -19.45
C HIS B 349 20.97 -8.35 -20.52
N ALA B 350 20.15 -9.31 -20.11
CA ALA B 350 19.29 -10.05 -21.03
C ALA B 350 18.19 -9.19 -21.65
N MET B 351 17.88 -8.05 -21.02
CA MET B 351 16.86 -7.13 -21.49
C MET B 351 17.48 -5.84 -22.03
N ASP B 352 18.79 -5.85 -22.32
CA ASP B 352 19.62 -4.64 -22.54
C ASP B 352 19.22 -3.46 -21.65
N ILE B 353 19.30 -3.73 -20.35
CA ILE B 353 19.18 -2.74 -19.29
C ILE B 353 20.55 -2.74 -18.64
N GLU B 354 21.07 -1.55 -18.37
CA GLU B 354 22.32 -1.42 -17.63
C GLU B 354 22.05 -1.17 -16.16
N VAL B 355 23.07 -1.43 -15.36
CA VAL B 355 22.94 -1.51 -13.92
C VAL B 355 23.84 -0.48 -13.29
N ILE B 356 23.32 0.19 -12.27
CA ILE B 356 24.09 1.03 -11.38
C ILE B 356 23.98 0.39 -9.98
N ALA B 357 25.13 0.04 -9.39
CA ALA B 357 25.14 -0.51 -8.04
C ALA B 357 25.48 0.63 -7.10
N GLU B 358 24.58 0.93 -6.17
CA GLU B 358 24.79 2.05 -5.26
C GLU B 358 25.13 1.58 -3.83
N GLY B 359 25.62 2.50 -3.03
CA GLY B 359 26.13 2.19 -1.71
C GLY B 359 27.51 1.55 -1.71
N ILE B 360 28.30 1.77 -2.76
CA ILE B 360 29.64 1.19 -2.85
C ILE B 360 30.58 2.00 -1.95
N GLU B 361 31.08 1.34 -0.91
CA GLU B 361 31.98 1.95 0.07
C GLU B 361 33.41 1.38 0.13
N HIS B 362 33.66 0.26 -0.56
CA HIS B 362 34.95 -0.45 -0.52
C HIS B 362 35.34 -0.98 -1.88
N HIS B 363 36.66 -0.98 -2.14
CA HIS B 363 37.20 -1.43 -3.42
C HIS B 363 36.85 -2.91 -3.73
N GLU B 364 36.84 -3.74 -2.69
CA GLU B 364 36.46 -5.18 -2.80
C GLU B 364 35.01 -5.37 -3.29
N GLU B 365 34.11 -4.49 -2.85
CA GLU B 365 32.73 -4.47 -3.37
C GLU B 365 32.70 -4.11 -4.85
N ALA B 366 33.44 -3.07 -5.24
CA ALA B 366 33.50 -2.65 -6.67
C ALA B 366 34.09 -3.73 -7.56
N LEU B 367 35.11 -4.41 -7.04
CA LEU B 367 35.73 -5.54 -7.75
C LEU B 367 34.66 -6.59 -8.06
N VAL B 368 34.03 -7.10 -7.02
CA VAL B 368 33.02 -8.17 -7.18
C VAL B 368 31.89 -7.74 -8.12
N LEU B 369 31.36 -6.53 -7.96
CA LEU B 369 30.30 -6.03 -8.83
C LEU B 369 30.71 -5.93 -10.30
N GLU B 370 31.98 -5.59 -10.56
CA GLU B 370 32.49 -5.54 -11.94
C GLU B 370 32.62 -6.93 -12.57
N THR B 371 33.10 -7.90 -11.78
CA THR B 371 33.20 -9.29 -12.22
C THR B 371 31.81 -9.83 -12.56
N LEU B 372 30.81 -9.55 -11.72
CA LEU B 372 29.41 -9.94 -11.99
C LEU B 372 28.78 -9.21 -13.19
N GLY B 373 29.31 -8.08 -13.59
CA GLY B 373 28.91 -7.41 -14.84
C GLY B 373 28.21 -6.05 -14.70
N ALA B 374 28.20 -5.46 -13.51
CA ALA B 374 27.65 -4.10 -13.35
C ALA B 374 28.59 -3.08 -13.99
N ARG B 375 28.04 -2.22 -14.86
CA ARG B 375 28.84 -1.21 -15.56
C ARG B 375 29.10 0.04 -14.71
N PHE B 376 28.08 0.50 -13.98
CA PHE B 376 28.16 1.73 -13.22
C PHE B 376 28.06 1.48 -11.73
N GLY B 377 28.53 2.46 -10.95
CA GLY B 377 28.50 2.39 -9.49
C GLY B 377 28.36 3.77 -8.90
N GLN B 378 27.76 3.87 -7.71
CA GLN B 378 27.85 5.09 -6.88
C GLN B 378 28.00 4.75 -5.41
N GLY B 379 28.55 5.71 -4.66
CA GLY B 379 28.84 5.57 -3.24
C GLY B 379 30.06 6.34 -2.75
N TYR B 380 30.23 6.33 -1.43
CA TYR B 380 31.36 6.91 -0.69
C TYR B 380 32.73 6.51 -1.25
N LEU B 381 32.88 5.30 -1.78
CA LEU B 381 34.18 4.88 -2.34
C LEU B 381 34.64 5.91 -3.36
N PHE B 382 33.72 6.34 -4.22
CA PHE B 382 34.03 7.30 -5.27
C PHE B 382 33.85 8.72 -4.76
N SER B 383 32.65 9.03 -4.25
CA SER B 383 32.37 10.34 -3.65
C SER B 383 30.98 10.38 -3.02
N LYS B 384 30.88 11.08 -1.91
CA LYS B 384 29.63 11.43 -1.29
C LYS B 384 28.92 12.52 -2.11
N PRO B 385 27.63 12.78 -1.81
CA PRO B 385 26.96 13.88 -2.52
C PRO B 385 27.61 15.21 -2.18
N VAL B 386 27.81 16.06 -3.17
CA VAL B 386 28.44 17.37 -2.96
C VAL B 386 27.68 18.46 -3.71
N ASP B 387 27.86 19.70 -3.26
CA ASP B 387 27.31 20.85 -3.96
C ASP B 387 27.92 21.00 -5.35
N LEU B 388 27.25 21.78 -6.17
CA LEU B 388 27.61 22.01 -7.57
C LEU B 388 29.07 22.42 -7.73
N GLY B 389 29.50 23.39 -6.90
CA GLY B 389 30.85 23.93 -6.93
C GLY B 389 31.90 22.84 -6.79
N ARG B 390 31.71 21.97 -5.79
CA ARG B 390 32.66 20.85 -5.60
C ARG B 390 32.55 19.80 -6.70
N PHE B 391 31.34 19.61 -7.22
CA PHE B 391 31.13 18.66 -8.33
C PHE B 391 31.85 19.08 -9.60
N LEU B 392 31.72 20.37 -9.92
CA LEU B 392 32.46 20.98 -11.04
C LEU B 392 33.99 20.78 -10.91
N LYS B 393 34.53 20.81 -9.68
CA LYS B 393 35.95 20.45 -9.45
C LYS B 393 36.24 18.97 -9.68
N LEU B 394 35.37 18.07 -9.18
CA LEU B 394 35.58 16.61 -9.36
C LEU B 394 35.63 16.18 -10.82
N ILE B 395 34.74 16.75 -11.64
CA ILE B 395 34.71 16.38 -13.06
C ILE B 395 36.00 16.75 -13.83
N LYS B 396 36.74 17.78 -13.40
CA LYS B 396 38.01 18.15 -14.05
C LYS B 396 39.16 17.15 -13.84
#